data_9FQM
#
_entry.id   9FQM
#
_cell.length_a   1.00
_cell.length_b   1.00
_cell.length_c   1.00
_cell.angle_alpha   90.00
_cell.angle_beta   90.00
_cell.angle_gamma   90.00
#
_symmetry.space_group_name_H-M   'P 1'
#
_entity_poly.entity_id   1
_entity_poly.type   'polypeptide(L)'
_entity_poly.pdbx_seq_one_letter_code
;MGSSHHHHHHSSGEQKLISEEDLSSGENLYFQGHMASSTSLPAPGSRPKKPLGKMADWFRQTLLKKPKKRPNSPESTSSD
ASQPTSQDSPLPPSLSSVTSPSLPPTHASDSGSSRWSKDYDVCVCHSEEDLVAAQDLVSYLEGSTASLRCFLQLRDATPG
GAIVSELCQALSSSHCRVLLITPGFLQDPWCKYQMLQALTEAPGAEGCTIPLLSGLSRAAYPPELRFMYYVDGRGPDGGF
RQVKEAVMRYLQTLS
;
_entity_poly.pdbx_strand_id   B,A,C,D,E,F,G,H
#
# COMPACT_ATOMS: atom_id res chain seq x y z
N SER A 113 -21.26 37.40 10.54
CA SER A 113 -20.60 37.83 9.31
C SER A 113 -20.29 36.64 8.41
N SER A 114 -20.48 35.44 8.96
CA SER A 114 -20.23 34.19 8.24
C SER A 114 -18.81 34.12 7.69
N ARG A 115 -17.85 34.58 8.49
CA ARG A 115 -16.44 34.48 8.12
C ARG A 115 -15.95 33.03 8.14
N TRP A 116 -16.63 32.16 8.89
CA TRP A 116 -16.20 30.76 9.07
C TRP A 116 -16.65 29.96 7.86
N SER A 117 -16.03 30.26 6.72
CA SER A 117 -16.30 29.55 5.48
C SER A 117 -15.40 28.33 5.28
N LYS A 118 -14.46 28.08 6.19
CA LYS A 118 -13.54 26.97 6.07
C LYS A 118 -13.37 26.31 7.43
N ASP A 119 -12.94 25.04 7.41
CA ASP A 119 -12.86 24.26 8.64
C ASP A 119 -11.76 24.78 9.56
N TYR A 120 -10.58 25.05 9.01
CA TYR A 120 -9.40 25.34 9.82
C TYR A 120 -8.75 26.64 9.38
N ASP A 121 -7.99 27.23 10.31
CA ASP A 121 -7.31 28.50 10.07
C ASP A 121 -5.84 28.34 9.74
N VAL A 122 -5.06 27.70 10.60
CA VAL A 122 -3.62 27.62 10.43
C VAL A 122 -3.19 26.18 10.27
N CYS A 123 -2.37 25.92 9.26
CA CYS A 123 -1.72 24.64 9.05
C CYS A 123 -0.21 24.83 9.18
N VAL A 124 0.44 23.94 9.92
CA VAL A 124 1.85 24.05 10.24
C VAL A 124 2.58 22.86 9.65
N CYS A 125 3.64 23.13 8.88
CA CYS A 125 4.51 22.11 8.33
C CYS A 125 5.87 22.20 9.02
N HIS A 126 6.35 21.06 9.53
CA HIS A 126 7.55 21.06 10.34
C HIS A 126 8.31 19.75 10.12
N SER A 127 9.57 19.75 10.54
CA SER A 127 10.40 18.56 10.46
C SER A 127 9.87 17.49 11.41
N GLU A 128 9.98 16.23 10.98
CA GLU A 128 9.46 15.12 11.76
C GLU A 128 10.21 14.90 13.07
N GLU A 129 11.38 15.52 13.24
CA GLU A 129 12.18 15.28 14.44
C GLU A 129 11.61 16.03 15.65
N ASP A 130 11.47 17.35 15.54
CA ASP A 130 11.06 18.17 16.67
C ASP A 130 9.55 18.45 16.57
N LEU A 131 8.77 17.49 17.09
CA LEU A 131 7.33 17.70 17.21
C LEU A 131 7.02 18.82 18.17
N VAL A 132 7.91 19.05 19.14
CA VAL A 132 7.65 20.02 20.20
C VAL A 132 7.53 21.43 19.65
N ALA A 133 8.28 21.77 18.60
CA ALA A 133 8.21 23.11 18.04
C ALA A 133 6.83 23.39 17.46
N ALA A 134 6.31 22.48 16.65
CA ALA A 134 4.98 22.66 16.07
C ALA A 134 3.90 22.61 17.14
N GLN A 135 4.03 21.71 18.10
CA GLN A 135 3.07 21.67 19.20
C GLN A 135 3.05 22.99 19.96
N ASP A 136 4.24 23.56 20.20
CA ASP A 136 4.32 24.85 20.88
C ASP A 136 3.68 25.95 20.05
N LEU A 137 3.90 25.93 18.73
CA LEU A 137 3.28 26.95 17.89
C LEU A 137 1.76 26.86 17.97
N VAL A 138 1.20 25.65 17.90
CA VAL A 138 -0.25 25.52 17.94
C VAL A 138 -0.79 25.91 19.31
N SER A 139 -0.15 25.45 20.39
CA SER A 139 -0.63 25.75 21.73
C SER A 139 -0.34 27.19 22.15
N TYR A 140 0.47 27.92 21.39
CA TYR A 140 0.70 29.33 21.62
C TYR A 140 -0.27 30.19 20.81
N LEU A 141 -0.60 29.76 19.58
CA LEU A 141 -1.52 30.52 18.76
C LEU A 141 -2.96 30.34 19.22
N GLU A 142 -3.34 29.11 19.60
CA GLU A 142 -4.75 28.85 19.91
C GLU A 142 -5.18 29.52 21.21
N GLY A 143 -4.29 29.58 22.19
CA GLY A 143 -4.69 30.03 23.52
C GLY A 143 -5.11 31.49 23.59
N SER A 144 -4.34 32.37 22.95
CA SER A 144 -4.57 33.80 23.11
C SER A 144 -5.68 34.33 22.20
N THR A 145 -6.09 33.59 21.19
CA THR A 145 -7.12 34.03 20.26
C THR A 145 -8.49 33.92 20.89
N ALA A 146 -9.37 34.87 20.57
CA ALA A 146 -10.73 34.84 21.11
C ALA A 146 -11.49 33.62 20.61
N SER A 147 -11.53 33.42 19.28
CA SER A 147 -12.17 32.23 18.71
C SER A 147 -11.45 31.90 17.39
N LEU A 148 -10.44 31.05 17.50
CA LEU A 148 -9.71 30.57 16.34
C LEU A 148 -9.27 29.13 16.58
N ARG A 149 -8.93 28.45 15.51
CA ARG A 149 -8.49 27.06 15.57
C ARG A 149 -7.24 26.85 14.72
N CYS A 150 -6.79 25.61 14.58
CA CYS A 150 -5.56 25.32 13.86
C CYS A 150 -5.56 23.86 13.46
N PHE A 151 -4.52 23.47 12.72
CA PHE A 151 -4.34 22.09 12.28
C PHE A 151 -2.87 21.72 12.42
N LEU A 152 -2.62 20.48 12.86
CA LEU A 152 -1.27 19.95 12.98
C LEU A 152 -1.24 18.56 12.36
N GLN A 153 -0.05 18.11 11.97
CA GLN A 153 0.08 16.89 11.18
C GLN A 153 -0.45 15.68 11.94
N LEU A 154 0.22 15.29 13.02
CA LEU A 154 -0.21 14.09 13.73
C LEU A 154 -1.20 14.37 14.85
N ARG A 155 -1.42 15.64 15.20
CA ARG A 155 -2.42 15.97 16.20
C ARG A 155 -3.83 15.84 15.64
N ASP A 156 -3.99 15.94 14.33
CA ASP A 156 -5.31 16.00 13.72
C ASP A 156 -5.50 15.13 12.49
N ALA A 157 -4.48 14.39 12.05
CA ALA A 157 -4.63 13.55 10.87
C ALA A 157 -5.58 12.40 11.13
N THR A 158 -6.38 12.07 10.13
CA THR A 158 -7.24 10.90 10.23
C THR A 158 -6.38 9.65 10.18
N PRO A 159 -6.43 8.79 11.20
CA PRO A 159 -5.63 7.56 11.15
C PRO A 159 -6.12 6.62 10.06
N GLY A 160 -5.17 5.89 9.49
CA GLY A 160 -5.47 4.97 8.42
C GLY A 160 -5.52 5.59 7.05
N GLY A 161 -5.35 6.91 6.93
CA GLY A 161 -5.32 7.57 5.65
C GLY A 161 -3.90 7.76 5.14
N ALA A 162 -3.82 8.17 3.86
CA ALA A 162 -2.53 8.36 3.22
C ALA A 162 -1.82 9.57 3.80
N ILE A 163 -0.49 9.47 3.94
CA ILE A 163 0.29 10.61 4.41
C ILE A 163 0.24 11.74 3.39
N VAL A 164 0.47 11.41 2.12
CA VAL A 164 0.52 12.42 1.08
C VAL A 164 -0.83 13.12 0.93
N SER A 165 -1.90 12.32 0.86
CA SER A 165 -3.24 12.89 0.69
C SER A 165 -3.64 13.73 1.89
N GLU A 166 -3.35 13.24 3.10
CA GLU A 166 -3.72 13.98 4.29
C GLU A 166 -2.98 15.31 4.37
N LEU A 167 -1.67 15.30 4.07
CA LEU A 167 -0.91 16.55 4.09
C LEU A 167 -1.42 17.52 3.03
N CYS A 168 -1.71 17.02 1.82
CA CYS A 168 -2.19 17.91 0.77
C CYS A 168 -3.53 18.53 1.16
N GLN A 169 -4.45 17.73 1.69
CA GLN A 169 -5.74 18.26 2.11
C GLN A 169 -5.59 19.24 3.27
N ALA A 170 -4.67 18.96 4.20
CA ALA A 170 -4.44 19.85 5.32
C ALA A 170 -3.93 21.21 4.85
N LEU A 171 -2.97 21.22 3.91
CA LEU A 171 -2.47 22.48 3.40
C LEU A 171 -3.52 23.20 2.58
N SER A 172 -4.37 22.46 1.87
CA SER A 172 -5.42 23.09 1.07
C SER A 172 -6.49 23.71 1.95
N SER A 173 -6.80 23.08 3.09
CA SER A 173 -7.92 23.50 3.92
C SER A 173 -7.58 24.64 4.86
N SER A 174 -6.34 25.11 4.87
CA SER A 174 -5.94 26.15 5.82
C SER A 174 -6.22 27.53 5.27
N HIS A 175 -6.38 28.49 6.19
CA HIS A 175 -6.43 29.90 5.84
C HIS A 175 -5.04 30.53 5.79
N CYS A 176 -4.15 30.11 6.68
CA CYS A 176 -2.76 30.56 6.68
C CYS A 176 -1.86 29.36 6.92
N ARG A 177 -0.63 29.45 6.43
CA ARG A 177 0.33 28.36 6.49
C ARG A 177 1.60 28.83 7.19
N VAL A 178 2.18 27.96 8.01
CA VAL A 178 3.43 28.25 8.71
C VAL A 178 4.41 27.13 8.43
N LEU A 179 5.61 27.48 8.00
CA LEU A 179 6.66 26.53 7.66
C LEU A 179 7.81 26.67 8.64
N LEU A 180 7.99 25.66 9.50
CA LEU A 180 9.06 25.66 10.49
C LEU A 180 10.32 25.10 9.84
N ILE A 181 11.31 25.95 9.62
CA ILE A 181 12.57 25.53 9.03
C ILE A 181 13.57 25.28 10.17
N THR A 182 14.16 24.09 10.17
CA THR A 182 15.02 23.61 11.24
C THR A 182 16.26 22.98 10.63
N PRO A 183 17.31 22.76 11.43
CA PRO A 183 18.50 22.07 10.88
C PRO A 183 18.18 20.71 10.30
N GLY A 184 17.19 20.01 10.85
CA GLY A 184 16.74 18.76 10.26
C GLY A 184 15.78 18.92 9.10
N PHE A 185 15.29 20.14 8.85
CA PHE A 185 14.40 20.37 7.73
C PHE A 185 15.11 20.12 6.40
N LEU A 186 16.36 20.55 6.28
CA LEU A 186 17.08 20.38 5.03
C LEU A 186 17.30 18.90 4.71
N GLN A 187 17.66 18.11 5.71
CA GLN A 187 17.98 16.71 5.47
C GLN A 187 16.72 15.87 5.23
N ASP A 188 15.67 16.09 6.02
CA ASP A 188 14.48 15.25 5.93
C ASP A 188 13.71 15.55 4.64
N PRO A 189 13.29 14.54 3.90
CA PRO A 189 12.61 14.79 2.61
C PRO A 189 11.12 15.09 2.74
N TRP A 190 10.47 14.59 3.79
CA TRP A 190 9.03 14.78 3.92
C TRP A 190 8.69 16.25 4.18
N CYS A 191 9.43 16.91 5.06
CA CYS A 191 9.21 18.33 5.27
C CYS A 191 9.56 19.14 4.03
N LYS A 192 10.54 18.67 3.25
CA LYS A 192 10.81 19.29 1.96
C LYS A 192 9.61 19.20 1.04
N TYR A 193 8.96 18.03 0.99
CA TYR A 193 7.76 17.88 0.20
C TYR A 193 6.66 18.81 0.69
N GLN A 194 6.50 18.93 2.00
CA GLN A 194 5.48 19.83 2.54
C GLN A 194 5.77 21.27 2.15
N MET A 195 7.03 21.70 2.22
CA MET A 195 7.38 23.06 1.82
C MET A 195 7.11 23.29 0.35
N LEU A 196 7.47 22.33 -0.50
CA LEU A 196 7.20 22.46 -1.93
C LEU A 196 5.71 22.57 -2.20
N GLN A 197 4.90 21.75 -1.52
CA GLN A 197 3.46 21.81 -1.72
C GLN A 197 2.89 23.15 -1.23
N ALA A 198 3.39 23.64 -0.11
CA ALA A 198 2.92 24.92 0.41
C ALA A 198 3.25 26.06 -0.54
N LEU A 199 4.45 26.03 -1.13
CA LEU A 199 4.80 27.03 -2.14
C LEU A 199 3.93 26.88 -3.38
N THR A 200 3.64 25.64 -3.78
CA THR A 200 2.86 25.39 -4.99
C THR A 200 1.43 25.92 -4.82
N GLU A 201 0.84 25.73 -3.65
CA GLU A 201 -0.56 26.13 -3.46
C GLU A 201 -0.75 27.62 -3.63
N ALA A 202 0.13 28.43 -3.05
CA ALA A 202 0.09 29.89 -3.17
C ALA A 202 1.47 30.40 -3.54
N PRO A 203 1.85 30.29 -4.82
CA PRO A 203 3.17 30.79 -5.23
C PRO A 203 3.36 32.28 -4.99
N GLY A 204 2.30 33.08 -5.10
CA GLY A 204 2.42 34.49 -4.82
C GLY A 204 2.69 34.75 -3.34
N ALA A 205 3.48 35.79 -3.08
CA ALA A 205 3.85 36.15 -1.71
C ALA A 205 2.83 37.10 -1.09
N GLU A 206 1.56 36.69 -1.11
CA GLU A 206 0.51 37.51 -0.52
C GLU A 206 0.59 37.52 1.00
N GLY A 207 0.99 36.40 1.61
CA GLY A 207 1.03 36.28 3.05
C GLY A 207 0.48 34.96 3.53
N CYS A 208 0.12 34.08 2.58
CA CYS A 208 -0.41 32.77 2.95
C CYS A 208 0.61 31.95 3.72
N THR A 209 1.86 31.96 3.27
CA THR A 209 2.92 31.17 3.89
C THR A 209 3.80 32.06 4.76
N ILE A 210 4.19 31.54 5.91
CA ILE A 210 5.06 32.27 6.84
C ILE A 210 6.21 31.36 7.23
N PRO A 211 7.42 31.62 6.75
CA PRO A 211 8.59 30.87 7.24
C PRO A 211 8.88 31.25 8.69
N LEU A 212 9.38 30.27 9.44
CA LEU A 212 9.85 30.47 10.80
C LEU A 212 11.19 29.74 10.93
N LEU A 213 12.28 30.50 10.92
CA LEU A 213 13.61 29.91 10.93
C LEU A 213 14.06 29.62 12.35
N SER A 214 14.90 28.59 12.49
CA SER A 214 15.44 28.22 13.79
C SER A 214 16.75 27.47 13.55
N GLY A 215 17.87 28.15 13.82
CA GLY A 215 19.17 27.53 13.76
C GLY A 215 19.88 27.60 12.42
N LEU A 216 19.24 28.12 11.38
CA LEU A 216 19.88 28.25 10.08
C LEU A 216 20.36 29.68 9.88
N SER A 217 21.62 29.82 9.48
CA SER A 217 22.16 31.13 9.13
C SER A 217 21.56 31.60 7.81
N ARG A 218 21.61 32.92 7.60
CA ARG A 218 21.10 33.50 6.37
C ARG A 218 21.82 32.95 5.14
N ALA A 219 23.11 32.64 5.29
CA ALA A 219 23.88 32.10 4.17
C ALA A 219 23.36 30.73 3.74
N ALA A 220 23.00 29.88 4.70
CA ALA A 220 22.54 28.53 4.41
C ALA A 220 21.03 28.47 4.19
N TYR A 221 20.37 29.62 4.12
CA TYR A 221 18.93 29.65 3.91
C TYR A 221 18.58 28.96 2.59
N PRO A 222 17.51 28.17 2.54
CA PRO A 222 17.16 27.44 1.32
C PRO A 222 17.02 28.37 0.13
N PRO A 223 17.60 28.01 -1.01
CA PRO A 223 17.49 28.88 -2.20
C PRO A 223 16.07 29.09 -2.66
N GLU A 224 15.18 28.13 -2.45
CA GLU A 224 13.82 28.22 -2.96
C GLU A 224 13.02 29.34 -2.31
N LEU A 225 13.48 29.86 -1.17
CA LEU A 225 12.69 30.82 -0.39
C LEU A 225 13.38 32.15 -0.15
N ARG A 226 14.46 32.47 -0.88
CA ARG A 226 15.15 33.73 -0.61
C ARG A 226 14.33 34.96 -1.00
N PHE A 227 13.22 34.80 -1.70
CA PHE A 227 12.47 35.96 -2.18
C PHE A 227 11.46 36.50 -1.17
N MET A 228 10.98 35.69 -0.24
CA MET A 228 10.05 36.16 0.77
C MET A 228 10.77 36.45 2.07
N TYR A 229 10.16 37.32 2.89
CA TYR A 229 10.64 37.49 4.25
C TYR A 229 10.50 36.22 5.06
N TYR A 230 11.43 36.03 5.99
CA TYR A 230 11.44 34.91 6.91
C TYR A 230 11.48 35.44 8.33
N VAL A 231 10.63 34.88 9.19
CA VAL A 231 10.61 35.28 10.59
C VAL A 231 11.90 34.79 11.26
N ASP A 232 12.65 35.72 11.82
CA ASP A 232 13.93 35.39 12.44
C ASP A 232 13.70 34.55 13.70
N GLY A 233 14.65 33.65 13.95
CA GLY A 233 14.64 32.86 15.17
C GLY A 233 15.65 33.35 16.18
N ARG A 234 16.41 34.38 15.79
CA ARG A 234 17.48 34.92 16.63
C ARG A 234 16.96 35.75 17.79
N GLY A 235 15.66 36.06 17.82
CA GLY A 235 15.09 36.82 18.91
C GLY A 235 14.97 35.97 20.16
N PRO A 236 14.52 36.57 21.26
CA PRO A 236 14.35 35.80 22.50
C PRO A 236 13.40 34.63 22.34
N ASP A 237 12.40 34.75 21.48
CA ASP A 237 11.50 33.65 21.16
C ASP A 237 11.06 33.78 19.71
N GLY A 238 10.65 32.66 19.13
CA GLY A 238 10.15 32.68 17.77
C GLY A 238 8.85 33.47 17.64
N GLY A 239 7.94 33.28 18.60
CA GLY A 239 6.66 33.97 18.56
C GLY A 239 6.70 35.43 18.94
N PHE A 240 7.83 35.91 19.48
CA PHE A 240 7.93 37.32 19.84
C PHE A 240 7.86 38.23 18.63
N ARG A 241 8.16 37.72 17.43
CA ARG A 241 7.91 38.49 16.21
C ARG A 241 6.43 38.59 15.90
N GLN A 242 5.58 37.87 16.63
CA GLN A 242 4.13 38.02 16.59
C GLN A 242 3.58 37.68 15.20
N VAL A 243 3.80 36.42 14.80
CA VAL A 243 3.22 35.90 13.57
C VAL A 243 1.70 35.83 13.64
N LYS A 244 1.15 35.74 14.87
CA LYS A 244 -0.30 35.79 15.01
C LYS A 244 -0.86 37.10 14.48
N GLU A 245 -0.10 38.19 14.57
CA GLU A 245 -0.51 39.43 13.93
C GLU A 245 -0.64 39.24 12.42
N ALA A 246 0.32 38.55 11.81
CA ALA A 246 0.25 38.31 10.37
C ALA A 246 -0.97 37.49 10.00
N VAL A 247 -1.23 36.40 10.73
CA VAL A 247 -2.37 35.55 10.36
C VAL A 247 -3.68 36.28 10.62
N MET A 248 -3.76 37.06 11.71
CA MET A 248 -4.98 37.81 11.99
C MET A 248 -5.23 38.88 10.92
N ARG A 249 -4.16 39.55 10.46
CA ARG A 249 -4.33 40.54 9.42
C ARG A 249 -4.75 39.90 8.11
N TYR A 250 -4.19 38.73 7.78
CA TYR A 250 -4.63 38.03 6.58
C TYR A 250 -6.09 37.64 6.67
N LEU A 251 -6.53 37.15 7.84
CA LEU A 251 -7.94 36.85 8.02
C LEU A 251 -8.81 38.09 7.90
N GLN A 252 -8.36 39.22 8.44
CA GLN A 252 -9.13 40.46 8.34
C GLN A 252 -9.29 40.89 6.89
N THR A 253 -8.21 40.83 6.11
CA THR A 253 -8.31 41.19 4.69
C THR A 253 -9.16 40.18 3.93
N LEU A 254 -9.16 38.92 4.34
CA LEU A 254 -9.94 37.90 3.65
C LEU A 254 -11.44 38.21 3.75
N SER A 255 -11.90 38.59 4.93
CA SER A 255 -13.31 38.90 5.14
C SER A 255 -13.50 39.79 6.36
N SER B 113 -8.61 67.73 10.09
CA SER B 113 -8.55 68.37 8.78
C SER B 113 -8.19 67.37 7.68
N SER B 114 -8.31 66.08 8.03
CA SER B 114 -8.01 64.98 7.10
C SER B 114 -6.60 65.10 6.55
N ARG B 115 -5.65 65.46 7.41
CA ARG B 115 -4.26 65.60 6.97
C ARG B 115 -3.66 64.25 6.61
N TRP B 116 -4.22 63.16 7.15
CA TRP B 116 -3.67 61.82 6.93
C TRP B 116 -4.40 61.18 5.75
N SER B 117 -3.91 61.49 4.55
CA SER B 117 -4.40 60.87 3.32
C SER B 117 -3.55 59.67 2.89
N LYS B 118 -2.54 59.32 3.67
CA LYS B 118 -1.63 58.23 3.33
C LYS B 118 -1.47 57.33 4.56
N ASP B 119 -1.01 56.10 4.31
CA ASP B 119 -0.93 55.10 5.38
C ASP B 119 0.04 55.53 6.47
N TYR B 120 1.21 56.04 6.09
CA TYR B 120 2.25 56.39 7.04
C TYR B 120 2.86 57.74 6.68
N ASP B 121 3.68 58.26 7.59
CA ASP B 121 4.21 59.62 7.47
C ASP B 121 5.70 59.68 7.19
N VAL B 122 6.50 58.77 7.73
CA VAL B 122 7.94 58.77 7.49
C VAL B 122 8.38 57.39 7.07
N CYS B 123 9.38 57.33 6.20
CA CYS B 123 10.00 56.09 5.77
C CYS B 123 11.51 56.23 5.87
N VAL B 124 12.17 55.16 6.32
CA VAL B 124 13.61 55.14 6.50
C VAL B 124 14.19 54.01 5.67
N CYS B 125 15.19 54.33 4.86
CA CYS B 125 15.90 53.36 4.04
C CYS B 125 17.34 53.28 4.52
N HIS B 126 17.85 52.06 4.69
CA HIS B 126 19.15 51.89 5.31
C HIS B 126 19.80 50.61 4.81
N SER B 127 21.11 50.51 5.04
CA SER B 127 21.85 49.30 4.71
C SER B 127 21.41 48.14 5.59
N GLU B 128 21.52 46.93 5.04
CA GLU B 128 21.07 45.74 5.74
C GLU B 128 21.92 45.39 6.96
N GLU B 129 23.07 46.04 7.13
CA GLU B 129 23.96 45.68 8.22
C GLU B 129 23.54 46.33 9.53
N ASP B 130 23.36 47.65 9.53
CA ASP B 130 23.12 48.40 10.77
C ASP B 130 21.63 48.75 10.88
N LEU B 131 20.87 47.82 11.45
CA LEU B 131 19.50 48.12 11.86
C LEU B 131 19.46 49.16 12.95
N VAL B 132 20.57 49.34 13.69
CA VAL B 132 20.60 50.27 14.81
C VAL B 132 20.36 51.69 14.33
N ALA B 133 20.88 52.03 13.15
CA ALA B 133 20.71 53.40 12.64
C ALA B 133 19.24 53.71 12.37
N ALA B 134 18.54 52.80 11.69
CA ALA B 134 17.13 53.02 11.40
C ALA B 134 16.29 53.00 12.68
N GLN B 135 16.60 52.09 13.60
CA GLN B 135 15.89 52.07 14.87
C GLN B 135 16.09 53.36 15.63
N ASP B 136 17.32 53.89 15.63
CA ASP B 136 17.59 55.16 16.29
C ASP B 136 16.83 56.29 15.63
N LEU B 137 16.77 56.31 14.30
CA LEU B 137 16.04 57.37 13.61
C LEU B 137 14.55 57.33 13.98
N VAL B 138 13.95 56.14 13.98
CA VAL B 138 12.53 56.04 14.29
C VAL B 138 12.27 56.40 15.75
N SER B 139 13.09 55.90 16.67
CA SER B 139 12.89 56.19 18.09
C SER B 139 13.28 57.62 18.45
N TYR B 140 13.97 58.32 17.57
CA TYR B 140 14.27 59.74 17.78
C TYR B 140 13.24 60.65 17.14
N LEU B 141 12.57 60.19 16.09
CA LEU B 141 11.58 61.01 15.40
C LEU B 141 10.17 60.83 15.97
N GLU B 142 9.74 59.59 16.16
CA GLU B 142 8.36 59.34 16.57
C GLU B 142 8.07 59.88 17.96
N GLY B 143 9.03 59.74 18.88
CA GLY B 143 8.76 60.07 20.28
C GLY B 143 8.48 61.54 20.52
N SER B 144 9.26 62.42 19.90
CA SER B 144 9.17 63.84 20.20
C SER B 144 8.01 64.54 19.50
N THR B 145 7.38 63.90 18.51
CA THR B 145 6.28 64.51 17.79
C THR B 145 4.93 64.24 18.46
N ALA B 146 4.71 63.01 18.94
CA ALA B 146 3.50 62.53 19.59
C ALA B 146 2.32 62.40 18.63
N SER B 147 2.48 62.78 17.37
CA SER B 147 1.44 62.64 16.36
C SER B 147 1.95 61.94 15.10
N LEU B 148 3.21 62.14 14.74
CA LEU B 148 3.76 61.52 13.54
C LEU B 148 4.07 60.06 13.78
N ARG B 149 4.02 59.26 12.71
CA ARG B 149 4.46 57.87 12.78
C ARG B 149 5.51 57.60 11.70
N CYS B 150 5.86 56.34 11.50
CA CYS B 150 6.91 56.00 10.56
C CYS B 150 6.76 54.55 10.13
N PHE B 151 7.62 54.14 9.20
CA PHE B 151 7.67 52.75 8.72
C PHE B 151 9.11 52.31 8.60
N LEU B 152 9.38 51.07 8.99
CA LEU B 152 10.71 50.48 8.92
C LEU B 152 10.59 49.05 8.39
N GLN B 153 11.67 48.56 7.80
CA GLN B 153 11.63 47.27 7.12
C GLN B 153 11.49 46.12 8.10
N LEU B 154 12.48 45.95 9.00
CA LEU B 154 12.46 44.81 9.91
C LEU B 154 11.35 44.92 10.94
N ARG B 155 10.94 46.14 11.30
CA ARG B 155 10.00 46.33 12.39
C ARG B 155 8.55 46.32 11.93
N ASP B 156 8.27 46.73 10.70
CA ASP B 156 6.90 46.95 10.26
C ASP B 156 6.47 46.16 9.04
N ALA B 157 7.39 45.78 8.16
CA ALA B 157 7.00 45.08 6.94
C ALA B 157 6.44 43.70 7.28
N THR B 158 5.36 43.34 6.59
CA THR B 158 4.67 42.10 6.88
C THR B 158 5.57 40.90 6.56
N PRO B 159 5.54 39.86 7.39
CA PRO B 159 6.28 38.64 7.06
C PRO B 159 5.52 37.77 6.09
N GLY B 160 6.28 36.96 5.35
CA GLY B 160 5.72 36.09 4.34
C GLY B 160 5.52 36.72 2.98
N GLY B 161 5.76 38.01 2.84
CA GLY B 161 5.64 38.68 1.56
C GLY B 161 6.99 38.88 0.89
N ALA B 162 6.94 39.30 -0.37
CA ALA B 162 8.15 39.49 -1.14
C ALA B 162 8.96 40.66 -0.63
N ILE B 163 10.29 40.51 -0.65
CA ILE B 163 11.17 41.60 -0.24
C ILE B 163 10.98 42.80 -1.15
N VAL B 164 11.02 42.56 -2.46
CA VAL B 164 10.94 43.64 -3.44
C VAL B 164 9.59 44.33 -3.37
N SER B 165 8.50 43.55 -3.33
CA SER B 165 7.17 44.14 -3.29
C SER B 165 6.95 44.92 -2.00
N GLU B 166 7.38 44.36 -0.87
CA GLU B 166 7.19 45.05 0.40
C GLU B 166 7.99 46.35 0.44
N LEU B 167 9.23 46.33 -0.06
CA LEU B 167 10.01 47.55 -0.09
C LEU B 167 9.39 48.60 -1.00
N CYS B 168 8.90 48.17 -2.17
CA CYS B 168 8.27 49.12 -3.08
C CYS B 168 7.02 49.74 -2.46
N GLN B 169 6.21 48.92 -1.78
CA GLN B 169 5.03 49.44 -1.10
C GLN B 169 5.43 50.40 0.01
N ALA B 170 6.48 50.08 0.77
CA ALA B 170 6.91 50.94 1.85
C ALA B 170 7.36 52.30 1.33
N LEU B 171 8.14 52.31 0.25
CA LEU B 171 8.55 53.58 -0.35
C LEU B 171 7.35 54.33 -0.91
N SER B 172 6.41 53.63 -1.54
CA SER B 172 5.28 54.29 -2.18
C SER B 172 4.30 54.85 -1.16
N SER B 173 3.97 54.07 -0.14
CA SER B 173 2.93 54.42 0.82
C SER B 173 3.40 55.35 1.92
N SER B 174 4.50 56.06 1.71
CA SER B 174 5.03 56.96 2.73
C SER B 174 5.02 58.40 2.24
N HIS B 175 5.17 59.33 3.18
CA HIS B 175 5.22 60.75 2.87
C HIS B 175 6.65 61.25 2.65
N CYS B 176 7.60 60.78 3.47
CA CYS B 176 8.98 61.21 3.37
C CYS B 176 9.88 59.99 3.39
N ARG B 177 10.99 60.08 2.66
CA ARG B 177 11.98 59.01 2.57
C ARG B 177 13.31 59.50 3.14
N VAL B 178 13.97 58.65 3.92
CA VAL B 178 15.28 58.95 4.48
C VAL B 178 16.25 57.89 4.01
N LEU B 179 17.34 58.32 3.39
CA LEU B 179 18.34 57.43 2.80
C LEU B 179 19.57 57.47 3.68
N LEU B 180 19.76 56.44 4.51
CA LEU B 180 20.91 56.35 5.40
C LEU B 180 22.08 55.77 4.61
N ILE B 181 23.00 56.63 4.19
CA ILE B 181 24.19 56.20 3.47
C ILE B 181 25.26 55.85 4.49
N THR B 182 25.80 54.64 4.39
CA THR B 182 26.76 54.08 5.33
C THR B 182 27.91 53.45 4.55
N PRO B 183 29.03 53.16 5.22
CA PRO B 183 30.13 52.48 4.50
C PRO B 183 29.71 51.16 3.89
N GLY B 184 28.78 50.44 4.52
CA GLY B 184 28.23 49.23 3.93
C GLY B 184 27.18 49.46 2.87
N PHE B 185 26.71 50.70 2.72
CA PHE B 185 25.71 50.99 1.71
C PHE B 185 26.25 50.77 0.31
N LEU B 186 27.50 51.17 0.06
CA LEU B 186 28.06 51.06 -1.28
C LEU B 186 28.19 49.60 -1.71
N GLN B 187 28.66 48.73 -0.81
CA GLN B 187 28.91 47.33 -1.18
C GLN B 187 27.61 46.52 -1.26
N ASP B 188 26.69 46.75 -0.33
CA ASP B 188 25.47 45.93 -0.30
C ASP B 188 24.56 46.30 -1.46
N PRO B 189 24.02 45.31 -2.18
CA PRO B 189 23.22 45.63 -3.37
C PRO B 189 21.76 45.98 -3.07
N TRP B 190 21.21 45.44 -1.98
CA TRP B 190 19.80 45.69 -1.68
C TRP B 190 19.55 47.15 -1.36
N CYS B 191 20.43 47.77 -0.57
CA CYS B 191 20.27 49.19 -0.28
C CYS B 191 20.49 50.03 -1.53
N LYS B 192 21.36 49.58 -2.44
CA LYS B 192 21.50 50.27 -3.72
C LYS B 192 20.21 50.21 -4.52
N TYR B 193 19.56 49.05 -4.55
CA TYR B 193 18.28 48.92 -5.24
C TYR B 193 17.24 49.84 -4.61
N GLN B 194 17.20 49.89 -3.29
CA GLN B 194 16.20 50.71 -2.61
C GLN B 194 16.48 52.19 -2.83
N MET B 195 17.75 52.57 -2.89
CA MET B 195 18.11 53.94 -3.24
C MET B 195 17.65 54.29 -4.65
N LEU B 196 17.86 53.39 -5.60
CA LEU B 196 17.41 53.62 -6.96
C LEU B 196 15.90 53.77 -7.02
N GLN B 197 15.17 52.92 -6.30
CA GLN B 197 13.72 53.02 -6.27
C GLN B 197 13.26 54.33 -5.64
N ALA B 198 13.90 54.75 -4.55
CA ALA B 198 13.54 56.01 -3.89
C ALA B 198 13.78 57.19 -4.82
N LEU B 199 14.88 57.18 -5.55
CA LEU B 199 15.12 58.24 -6.52
C LEU B 199 14.10 58.19 -7.66
N THR B 200 13.73 56.99 -8.09
CA THR B 200 12.77 56.85 -9.18
C THR B 200 11.39 57.39 -8.79
N GLU B 201 10.95 57.13 -7.56
CA GLU B 201 9.63 57.58 -7.15
C GLU B 201 9.54 59.11 -7.15
N ALA B 202 10.58 59.79 -6.69
CA ALA B 202 10.62 61.25 -6.63
C ALA B 202 11.89 61.74 -7.30
N PRO B 203 11.92 61.78 -8.63
CA PRO B 203 13.13 62.24 -9.33
C PRO B 203 13.50 63.68 -8.99
N GLY B 204 12.52 64.54 -8.78
CA GLY B 204 12.82 65.93 -8.47
C GLY B 204 13.34 66.10 -7.05
N ALA B 205 14.07 67.19 -6.84
CA ALA B 205 14.63 67.52 -5.53
C ALA B 205 13.67 68.41 -4.73
N GLU B 206 12.43 67.96 -4.59
CA GLU B 206 11.45 68.73 -3.84
C GLU B 206 11.70 68.66 -2.34
N GLY B 207 12.14 67.51 -1.85
CA GLY B 207 12.37 67.33 -0.43
C GLY B 207 11.83 66.01 0.08
N CYS B 208 11.31 65.18 -0.84
CA CYS B 208 10.78 63.89 -0.45
C CYS B 208 11.86 62.99 0.12
N THR B 209 13.03 62.99 -0.50
CA THR B 209 14.14 62.14 -0.07
C THR B 209 15.19 62.99 0.65
N ILE B 210 15.65 62.48 1.79
CA ILE B 210 16.67 63.14 2.59
C ILE B 210 17.86 62.20 2.70
N PRO B 211 18.95 62.48 2.00
CA PRO B 211 20.16 61.66 2.14
C PRO B 211 20.91 62.02 3.41
N LEU B 212 20.87 61.12 4.39
CA LEU B 212 21.59 61.28 5.66
C LEU B 212 22.88 60.46 5.54
N LEU B 213 24.01 61.16 5.48
CA LEU B 213 25.29 60.50 5.31
C LEU B 213 25.83 60.02 6.66
N SER B 214 26.67 58.98 6.61
CA SER B 214 27.29 58.45 7.82
C SER B 214 28.59 57.75 7.40
N GLY B 215 29.72 58.42 7.64
CA GLY B 215 31.02 57.82 7.44
C GLY B 215 31.61 57.94 6.05
N LEU B 216 30.87 58.49 5.10
CA LEU B 216 31.38 58.66 3.75
C LEU B 216 31.93 60.07 3.56
N SER B 217 33.15 60.16 3.05
CA SER B 217 33.72 61.44 2.69
C SER B 217 33.01 62.01 1.46
N ARG B 218 33.15 63.33 1.28
CA ARG B 218 32.52 63.98 0.15
C ARG B 218 33.06 63.45 -1.17
N ALA B 219 34.33 63.04 -1.20
CA ALA B 219 34.92 62.54 -2.44
C ALA B 219 34.25 61.24 -2.90
N ALA B 220 33.93 60.35 -1.97
CA ALA B 220 33.35 59.06 -2.29
C ALA B 220 31.83 59.10 -2.38
N TYR B 221 31.24 60.29 -2.31
CA TYR B 221 29.79 60.43 -2.36
C TYR B 221 29.27 59.88 -3.69
N PRO B 222 28.19 59.10 -3.68
CA PRO B 222 27.72 58.43 -4.90
C PRO B 222 27.43 59.42 -6.00
N PRO B 223 27.81 59.11 -7.24
CA PRO B 223 27.53 60.02 -8.36
C PRO B 223 26.05 60.26 -8.59
N GLU B 224 25.19 59.29 -8.27
CA GLU B 224 23.77 59.44 -8.52
C GLU B 224 23.13 60.52 -7.65
N LEU B 225 23.78 60.93 -6.58
CA LEU B 225 23.17 61.83 -5.60
C LEU B 225 23.87 63.18 -5.47
N ARG B 226 24.85 63.48 -6.33
CA ARG B 226 25.55 64.76 -6.22
C ARG B 226 24.64 65.96 -6.49
N PHE B 227 23.47 65.74 -7.10
CA PHE B 227 22.58 66.85 -7.38
C PHE B 227 21.85 67.34 -6.13
N MET B 228 21.47 66.42 -5.25
CA MET B 228 20.68 66.75 -4.07
C MET B 228 21.57 67.08 -2.88
N TYR B 229 21.15 68.05 -2.09
CA TYR B 229 21.84 68.36 -0.85
C TYR B 229 21.78 67.16 0.09
N TYR B 230 22.85 66.97 0.86
CA TYR B 230 22.98 65.82 1.74
C TYR B 230 23.21 66.30 3.17
N VAL B 231 22.57 65.62 4.12
CA VAL B 231 22.74 65.96 5.53
C VAL B 231 24.08 65.43 6.01
N ASP B 232 24.93 66.33 6.52
CA ASP B 232 26.25 65.93 6.98
C ASP B 232 26.14 65.04 8.21
N GLY B 233 26.86 63.93 8.19
CA GLY B 233 26.96 63.06 9.35
C GLY B 233 28.12 63.35 10.27
N ARG B 234 28.93 64.35 9.95
CA ARG B 234 30.12 64.67 10.71
C ARG B 234 29.84 65.52 11.94
N GLY B 235 28.60 65.94 12.15
CA GLY B 235 28.23 66.71 13.31
C GLY B 235 28.17 65.85 14.56
N PRO B 236 27.74 66.43 15.69
CA PRO B 236 27.62 65.63 16.92
C PRO B 236 26.70 64.45 16.75
N ASP B 237 25.62 64.60 15.97
CA ASP B 237 24.72 63.50 15.66
C ASP B 237 24.06 63.79 14.32
N GLY B 238 23.48 62.75 13.73
CA GLY B 238 22.77 62.93 12.47
C GLY B 238 21.56 63.84 12.62
N GLY B 239 20.80 63.67 13.71
CA GLY B 239 19.59 64.44 13.91
C GLY B 239 19.80 65.87 14.32
N PHE B 240 21.05 66.27 14.58
CA PHE B 240 21.33 67.65 14.97
C PHE B 240 21.00 68.64 13.86
N ARG B 241 20.89 68.18 12.62
CA ARG B 241 20.52 69.03 11.50
C ARG B 241 19.01 69.13 11.30
N GLN B 242 18.23 68.53 12.21
CA GLN B 242 16.78 68.66 12.23
C GLN B 242 16.14 68.15 10.94
N VAL B 243 16.36 66.85 10.69
CA VAL B 243 15.63 66.17 9.61
C VAL B 243 14.14 66.16 9.91
N LYS B 244 13.78 66.07 11.19
CA LYS B 244 12.38 66.17 11.58
C LYS B 244 11.80 67.51 11.16
N GLU B 245 12.59 68.58 11.26
CA GLU B 245 12.13 69.87 10.78
C GLU B 245 11.85 69.82 9.28
N ALA B 246 12.72 69.15 8.52
CA ALA B 246 12.51 69.05 7.08
C ALA B 246 11.23 68.31 6.75
N VAL B 247 10.99 67.17 7.41
CA VAL B 247 9.80 66.39 7.11
C VAL B 247 8.55 67.13 7.56
N MET B 248 8.62 67.83 8.70
CA MET B 248 7.48 68.62 9.15
C MET B 248 7.17 69.74 8.17
N ARG B 249 8.19 70.43 7.66
CA ARG B 249 7.97 71.48 6.68
C ARG B 249 7.38 70.92 5.39
N TYR B 250 7.87 69.77 4.94
CA TYR B 250 7.32 69.17 3.72
C TYR B 250 5.85 68.80 3.90
N LEU B 251 5.51 68.23 5.06
CA LEU B 251 4.10 67.90 5.30
C LEU B 251 3.25 69.15 5.46
N GLN B 252 3.80 70.22 6.02
CA GLN B 252 3.07 71.48 6.11
C GLN B 252 2.76 72.03 4.73
N THR B 253 3.74 71.99 3.82
CA THR B 253 3.49 72.42 2.45
C THR B 253 2.52 71.48 1.75
N LEU B 254 2.53 70.20 2.12
CA LEU B 254 1.61 69.24 1.52
C LEU B 254 0.16 69.59 1.85
N SER B 255 -0.17 69.59 3.14
CA SER B 255 -1.53 69.90 3.57
C SER B 255 -1.53 70.54 4.96
N SER C 113 40.55 29.41 -23.05
CA SER C 113 40.63 30.52 -22.10
C SER C 113 39.67 30.32 -20.94
N SER C 114 39.01 29.17 -20.92
CA SER C 114 38.05 28.82 -19.87
C SER C 114 36.95 29.88 -19.75
N ARG C 115 36.45 30.34 -20.90
CA ARG C 115 35.38 31.33 -20.91
C ARG C 115 34.11 30.77 -20.28
N TRP C 116 33.78 29.52 -20.59
CA TRP C 116 32.57 28.89 -20.06
C TRP C 116 32.94 28.14 -18.78
N SER C 117 32.66 28.75 -17.63
CA SER C 117 32.93 28.13 -16.35
C SER C 117 31.67 27.69 -15.63
N LYS C 118 30.49 27.95 -16.20
CA LYS C 118 29.23 27.53 -15.59
C LYS C 118 28.42 26.78 -16.63
N ASP C 119 27.37 26.09 -16.18
CA ASP C 119 26.65 25.14 -17.02
C ASP C 119 26.06 25.80 -18.27
N TYR C 120 25.42 26.96 -18.10
CA TYR C 120 24.66 27.57 -19.19
C TYR C 120 24.95 29.06 -19.25
N ASP C 121 24.45 29.69 -20.32
CA ASP C 121 24.69 31.10 -20.60
C ASP C 121 23.49 31.99 -20.32
N VAL C 122 22.33 31.66 -20.91
CA VAL C 122 21.14 32.50 -20.82
C VAL C 122 19.99 31.71 -20.23
N CYS C 123 19.21 32.35 -19.37
CA CYS C 123 17.96 31.78 -18.86
C CYS C 123 16.85 32.79 -19.10
N VAL C 124 15.66 32.29 -19.40
CA VAL C 124 14.50 33.12 -19.71
C VAL C 124 13.37 32.76 -18.78
N CYS C 125 12.70 33.76 -18.23
CA CYS C 125 11.51 33.60 -17.42
C CYS C 125 10.33 34.23 -18.14
N HIS C 126 9.25 33.46 -18.31
CA HIS C 126 8.13 33.90 -19.11
C HIS C 126 6.83 33.39 -18.52
N SER C 127 5.73 34.02 -18.92
CA SER C 127 4.41 33.59 -18.49
C SER C 127 4.07 32.22 -19.06
N GLU C 128 3.34 31.44 -18.27
CA GLU C 128 2.98 30.08 -18.65
C GLU C 128 2.07 30.03 -19.88
N GLU C 129 1.40 31.13 -20.23
CA GLU C 129 0.45 31.11 -21.32
C GLU C 129 1.15 31.06 -22.68
N ASP C 130 2.20 31.87 -22.86
CA ASP C 130 2.87 31.98 -24.16
C ASP C 130 4.25 31.33 -24.09
N LEU C 131 4.28 30.03 -24.41
CA LEU C 131 5.54 29.35 -24.62
C LEU C 131 6.24 29.88 -25.88
N VAL C 132 5.47 30.45 -26.80
CA VAL C 132 6.01 30.86 -28.08
C VAL C 132 7.05 31.97 -27.90
N ALA C 133 6.85 32.85 -26.92
CA ALA C 133 7.79 33.95 -26.71
C ALA C 133 9.17 33.42 -26.30
N ALA C 134 9.20 32.52 -25.31
CA ALA C 134 10.48 31.96 -24.87
C ALA C 134 11.11 31.11 -25.97
N GLN C 135 10.31 30.31 -26.67
CA GLN C 135 10.85 29.50 -27.77
C GLN C 135 11.45 30.39 -28.85
N ASP C 136 10.77 31.49 -29.19
CA ASP C 136 11.28 32.41 -30.18
C ASP C 136 12.58 33.06 -29.71
N LEU C 137 12.65 33.45 -28.44
CA LEU C 137 13.87 34.05 -27.93
C LEU C 137 15.05 33.08 -28.02
N VAL C 138 14.83 31.83 -27.61
CA VAL C 138 15.93 30.86 -27.64
C VAL C 138 16.33 30.55 -29.08
N SER C 139 15.35 30.35 -29.97
CA SER C 139 15.67 30.02 -31.35
C SER C 139 16.18 31.21 -32.14
N TYR C 140 16.04 32.43 -31.62
CA TYR C 140 16.62 33.61 -32.24
C TYR C 140 18.00 33.93 -31.70
N LEU C 141 18.28 33.54 -30.44
CA LEU C 141 19.59 33.83 -29.87
C LEU C 141 20.59 32.72 -30.20
N GLU C 142 20.19 31.45 -30.12
CA GLU C 142 21.13 30.36 -30.31
C GLU C 142 21.60 30.25 -31.75
N GLY C 143 20.73 30.59 -32.70
CA GLY C 143 21.04 30.34 -34.10
C GLY C 143 22.22 31.13 -34.61
N SER C 144 22.25 32.43 -34.31
CA SER C 144 23.27 33.32 -34.86
C SER C 144 24.54 33.37 -34.02
N THR C 145 24.55 32.75 -32.85
CA THR C 145 25.73 32.77 -31.98
C THR C 145 26.64 31.57 -32.24
N ALA C 146 26.05 30.37 -32.29
CA ALA C 146 26.70 29.07 -32.50
C ALA C 146 27.56 28.66 -31.31
N SER C 147 27.66 29.48 -30.26
CA SER C 147 28.42 29.11 -29.08
C SER C 147 27.62 29.40 -27.81
N LEU C 148 26.60 30.25 -27.94
CA LEU C 148 25.79 30.67 -26.80
C LEU C 148 24.64 29.68 -26.61
N ARG C 149 24.72 28.88 -25.56
CA ARG C 149 23.63 27.99 -25.19
C ARG C 149 22.59 28.80 -24.39
N CYS C 150 21.60 28.12 -23.84
CA CYS C 150 20.53 28.78 -23.11
C CYS C 150 19.82 27.75 -22.23
N PHE C 151 18.76 28.21 -21.56
CA PHE C 151 17.92 27.35 -20.75
C PHE C 151 16.49 27.86 -20.80
N LEU C 152 15.53 26.95 -20.88
CA LEU C 152 14.12 27.27 -20.92
C LEU C 152 13.38 26.39 -19.92
N GLN C 153 12.21 26.84 -19.50
CA GLN C 153 11.44 26.21 -18.42
C GLN C 153 11.19 24.72 -18.67
N LEU C 154 10.51 24.38 -19.77
CA LEU C 154 10.19 22.98 -20.02
C LEU C 154 11.14 22.31 -21.00
N ARG C 155 11.81 23.08 -21.86
CA ARG C 155 12.62 22.49 -22.91
C ARG C 155 13.86 21.80 -22.36
N ASP C 156 14.38 22.25 -21.22
CA ASP C 156 15.64 21.72 -20.70
C ASP C 156 15.51 21.13 -19.31
N ALA C 157 14.53 21.58 -18.53
CA ALA C 157 14.42 21.13 -17.15
C ALA C 157 13.98 19.66 -17.09
N THR C 158 14.42 18.98 -16.04
CA THR C 158 14.26 17.53 -15.96
C THR C 158 12.86 17.16 -15.50
N PRO C 159 12.16 16.28 -16.22
CA PRO C 159 10.94 15.70 -15.67
C PRO C 159 11.21 15.01 -14.35
N GLY C 160 10.23 15.04 -13.46
CA GLY C 160 10.37 14.41 -12.16
C GLY C 160 11.04 15.26 -11.11
N GLY C 161 11.39 16.50 -11.43
CA GLY C 161 11.98 17.42 -10.47
C GLY C 161 10.96 18.44 -9.98
N ALA C 162 11.33 19.10 -8.89
CA ALA C 162 10.47 20.13 -8.30
C ALA C 162 10.41 21.36 -9.20
N ILE C 163 9.23 21.97 -9.27
CA ILE C 163 9.09 23.21 -10.03
C ILE C 163 9.95 24.30 -9.40
N VAL C 164 9.81 24.49 -8.09
CA VAL C 164 10.51 25.57 -7.40
C VAL C 164 12.02 25.34 -7.47
N SER C 165 12.46 24.12 -7.17
CA SER C 165 13.89 23.84 -7.17
C SER C 165 14.49 23.96 -8.56
N GLU C 166 13.80 23.44 -9.57
CA GLU C 166 14.32 23.53 -10.93
C GLU C 166 14.42 24.98 -11.40
N LEU C 167 13.39 25.79 -11.12
CA LEU C 167 13.46 27.19 -11.50
C LEU C 167 14.57 27.93 -10.77
N CYS C 168 14.74 27.66 -9.47
CA CYS C 168 15.80 28.34 -8.72
C CYS C 168 17.17 27.96 -9.26
N GLN C 169 17.38 26.67 -9.55
CA GLN C 169 18.65 26.24 -10.12
C GLN C 169 18.87 26.84 -11.50
N ALA C 170 17.81 26.92 -12.31
CA ALA C 170 17.94 27.49 -13.66
C ALA C 170 18.34 28.95 -13.60
N LEU C 171 17.70 29.73 -12.72
CA LEU C 171 18.10 31.12 -12.57
C LEU C 171 19.52 31.23 -12.02
N SER C 172 19.90 30.33 -11.12
CA SER C 172 21.26 30.35 -10.58
C SER C 172 22.29 29.93 -11.63
N SER C 173 21.91 29.02 -12.53
CA SER C 173 22.86 28.44 -13.47
C SER C 173 23.18 29.33 -14.66
N SER C 174 22.51 30.47 -14.81
CA SER C 174 22.66 31.29 -15.99
C SER C 174 23.70 32.37 -15.79
N HIS C 175 24.18 32.91 -16.91
CA HIS C 175 25.02 34.11 -16.90
C HIS C 175 24.21 35.37 -17.11
N CYS C 176 23.12 35.30 -17.86
CA CYS C 176 22.21 36.42 -18.06
C CYS C 176 20.78 35.90 -18.02
N ARG C 177 19.90 36.71 -17.42
CA ARG C 177 18.50 36.37 -17.25
C ARG C 177 17.64 37.31 -18.08
N VAL C 178 16.53 36.80 -18.61
CA VAL C 178 15.60 37.59 -19.40
C VAL C 178 14.20 37.37 -18.84
N LEU C 179 13.50 38.46 -18.52
CA LEU C 179 12.15 38.40 -17.99
C LEU C 179 11.18 38.93 -19.05
N LEU C 180 10.39 38.03 -19.62
CA LEU C 180 9.41 38.39 -20.64
C LEU C 180 8.13 38.84 -19.95
N ILE C 181 7.97 40.15 -19.78
CA ILE C 181 6.76 40.69 -19.16
C ILE C 181 5.65 40.73 -20.21
N THR C 182 4.51 40.15 -19.87
CA THR C 182 3.38 39.97 -20.77
C THR C 182 2.10 40.35 -20.04
N PRO C 183 1.01 40.58 -20.77
CA PRO C 183 -0.26 40.86 -20.09
C PRO C 183 -0.68 39.76 -19.11
N GLY C 184 -0.35 38.50 -19.41
CA GLY C 184 -0.59 37.43 -18.48
C GLY C 184 0.46 37.29 -17.39
N PHE C 185 1.57 38.03 -17.49
CA PHE C 185 2.60 37.98 -16.47
C PHE C 185 2.08 38.52 -15.14
N LEU C 186 1.30 39.60 -15.18
CA LEU C 186 0.81 40.21 -13.95
C LEU C 186 -0.12 39.28 -13.19
N GLN C 187 -1.03 38.61 -13.91
CA GLN C 187 -2.02 37.76 -13.24
C GLN C 187 -1.41 36.43 -12.78
N ASP C 188 -0.55 35.83 -13.59
CA ASP C 188 0.00 34.52 -13.26
C ASP C 188 0.99 34.64 -12.10
N PRO C 189 0.87 33.81 -11.07
CA PRO C 189 1.74 33.95 -9.90
C PRO C 189 3.11 33.31 -10.06
N TRP C 190 3.20 32.25 -10.88
CA TRP C 190 4.47 31.55 -11.03
C TRP C 190 5.52 32.42 -11.69
N CYS C 191 5.14 33.16 -12.74
CA CYS C 191 6.10 34.07 -13.36
C CYS C 191 6.45 35.21 -12.42
N LYS C 192 5.51 35.61 -11.55
CA LYS C 192 5.84 36.59 -10.52
C LYS C 192 6.91 36.04 -9.57
N TYR C 193 6.78 34.77 -9.18
CA TYR C 193 7.79 34.15 -8.34
C TYR C 193 9.15 34.11 -9.05
N GLN C 194 9.14 33.78 -10.35
CA GLN C 194 10.39 33.77 -11.11
C GLN C 194 11.01 35.15 -11.17
N MET C 195 10.19 36.18 -11.37
CA MET C 195 10.69 37.55 -11.41
C MET C 195 11.31 37.94 -10.07
N LEU C 196 10.63 37.58 -8.98
CA LEU C 196 11.15 37.91 -7.65
C LEU C 196 12.46 37.19 -7.38
N GLN C 197 12.55 35.92 -7.78
CA GLN C 197 13.81 35.19 -7.61
C GLN C 197 14.93 35.80 -8.44
N ALA C 198 14.63 36.19 -9.69
CA ALA C 198 15.64 36.80 -10.54
C ALA C 198 16.13 38.11 -9.95
N LEU C 199 15.21 38.91 -9.41
CA LEU C 199 15.62 40.14 -8.74
C LEU C 199 16.45 39.85 -7.49
N THR C 200 16.08 38.82 -6.74
CA THR C 200 16.80 38.50 -5.51
C THR C 200 18.23 38.04 -5.81
N GLU C 201 18.41 37.25 -6.86
CA GLU C 201 19.74 36.74 -7.17
C GLU C 201 20.71 37.86 -7.51
N ALA C 202 20.28 38.82 -8.32
CA ALA C 202 21.12 39.95 -8.73
C ALA C 202 20.35 41.25 -8.51
N PRO C 203 20.22 41.69 -7.25
CA PRO C 203 19.50 42.95 -6.99
C PRO C 203 20.13 44.15 -7.66
N GLY C 204 21.45 44.19 -7.81
CA GLY C 204 22.10 45.29 -8.49
C GLY C 204 21.77 45.31 -9.97
N ALA C 205 21.66 46.51 -10.52
CA ALA C 205 21.35 46.72 -11.93
C ALA C 205 22.62 46.67 -12.79
N GLU C 206 23.38 45.58 -12.65
CA GLU C 206 24.61 45.44 -13.42
C GLU C 206 24.32 45.09 -14.88
N GLY C 207 23.30 44.29 -15.12
CA GLY C 207 22.98 43.84 -16.46
C GLY C 207 22.65 42.37 -16.53
N CYS C 208 22.60 41.72 -15.36
CA CYS C 208 22.28 40.31 -15.30
C CYS C 208 20.87 40.05 -15.81
N THR C 209 19.92 40.89 -15.43
CA THR C 209 18.52 40.72 -15.78
C THR C 209 18.11 41.74 -16.83
N ILE C 210 17.39 41.28 -17.85
CA ILE C 210 16.90 42.11 -18.94
C ILE C 210 15.39 41.99 -18.99
N PRO C 211 14.66 43.04 -18.61
CA PRO C 211 13.20 43.03 -18.79
C PRO C 211 12.84 43.30 -20.25
N LEU C 212 12.13 42.36 -20.86
CA LEU C 212 11.63 42.50 -22.23
C LEU C 212 10.11 42.64 -22.14
N LEU C 213 9.62 43.83 -22.43
CA LEU C 213 8.19 44.11 -22.32
C LEU C 213 7.46 43.68 -23.58
N SER C 214 6.17 43.39 -23.42
CA SER C 214 5.34 42.98 -24.56
C SER C 214 3.89 43.35 -24.24
N GLY C 215 3.41 44.44 -24.81
CA GLY C 215 2.01 44.82 -24.71
C GLY C 215 1.63 45.57 -23.46
N LEU C 216 2.56 45.85 -22.56
CA LEU C 216 2.26 46.56 -21.33
C LEU C 216 2.50 48.06 -21.51
N SER C 217 1.51 48.86 -21.13
CA SER C 217 1.70 50.31 -21.11
C SER C 217 2.67 50.70 -20.00
N ARG C 218 3.34 51.83 -20.21
CA ARG C 218 4.28 52.33 -19.20
C ARG C 218 3.58 52.62 -17.88
N ALA C 219 2.32 53.05 -17.92
CA ALA C 219 1.60 53.32 -16.69
C ALA C 219 1.38 52.07 -15.87
N ALA C 220 1.07 50.95 -16.52
CA ALA C 220 0.81 49.68 -15.85
C ALA C 220 2.08 48.88 -15.61
N TYR C 221 3.24 49.47 -15.84
CA TYR C 221 4.50 48.77 -15.63
C TYR C 221 4.62 48.37 -14.15
N PRO C 222 5.11 47.16 -13.86
CA PRO C 222 5.17 46.70 -12.47
C PRO C 222 6.01 47.63 -11.62
N PRO C 223 5.55 47.95 -10.40
CA PRO C 223 6.30 48.88 -9.55
C PRO C 223 7.67 48.39 -9.16
N GLU C 224 7.90 47.08 -9.16
CA GLU C 224 9.17 46.54 -8.67
C GLU C 224 10.32 46.77 -9.64
N LEU C 225 10.05 47.17 -10.88
CA LEU C 225 11.08 47.22 -11.91
C LEU C 225 11.29 48.61 -12.48
N ARG C 226 10.77 49.66 -11.82
CA ARG C 226 11.00 51.01 -12.33
C ARG C 226 12.44 51.46 -12.19
N PHE C 227 13.27 50.74 -11.44
CA PHE C 227 14.66 51.16 -11.23
C PHE C 227 15.52 50.87 -12.46
N MET C 228 15.27 49.77 -13.15
CA MET C 228 16.09 49.31 -14.26
C MET C 228 15.41 49.62 -15.59
N TYR C 229 16.21 50.02 -16.58
CA TYR C 229 15.68 50.24 -17.90
C TYR C 229 15.19 48.93 -18.50
N TYR C 230 14.22 49.02 -19.40
CA TYR C 230 13.54 47.87 -19.96
C TYR C 230 13.56 47.95 -21.47
N VAL C 231 13.53 46.78 -22.12
CA VAL C 231 13.48 46.73 -23.57
C VAL C 231 12.06 47.00 -24.05
N ASP C 232 11.93 48.01 -24.91
CA ASP C 232 10.61 48.37 -25.43
C ASP C 232 10.07 47.28 -26.34
N GLY C 233 8.82 46.91 -26.15
CA GLY C 233 8.16 45.94 -27.00
C GLY C 233 7.42 46.51 -28.18
N ARG C 234 7.47 47.81 -28.39
CA ARG C 234 6.71 48.47 -29.45
C ARG C 234 7.40 48.40 -30.81
N GLY C 235 8.62 47.89 -30.88
CA GLY C 235 9.31 47.73 -32.14
C GLY C 235 8.74 46.59 -32.95
N PRO C 236 9.15 46.48 -34.21
CA PRO C 236 8.67 45.35 -35.03
C PRO C 236 8.99 44.00 -34.43
N ASP C 237 10.16 43.88 -33.79
CA ASP C 237 10.51 42.69 -33.02
C ASP C 237 11.33 43.13 -31.81
N GLY C 238 11.20 42.37 -30.73
CA GLY C 238 11.99 42.67 -29.55
C GLY C 238 13.48 42.53 -29.81
N GLY C 239 13.87 41.47 -30.50
CA GLY C 239 15.28 41.24 -30.81
C GLY C 239 15.91 42.31 -31.68
N PHE C 240 15.09 43.15 -32.34
CA PHE C 240 15.63 44.29 -33.06
C PHE C 240 16.33 45.27 -32.12
N ARG C 241 15.98 45.28 -30.85
CA ARG C 241 16.74 46.04 -29.86
C ARG C 241 18.05 45.37 -29.49
N GLN C 242 18.27 44.14 -29.97
CA GLN C 242 19.57 43.48 -29.91
C GLN C 242 20.01 43.27 -28.46
N VAL C 243 19.20 42.49 -27.73
CA VAL C 243 19.56 42.11 -26.37
C VAL C 243 20.75 41.16 -26.36
N LYS C 244 20.98 40.45 -27.48
CA LYS C 244 22.18 39.65 -27.61
C LYS C 244 23.43 40.49 -27.46
N GLU C 245 23.38 41.76 -27.86
CA GLU C 245 24.50 42.67 -27.60
C GLU C 245 24.70 42.83 -26.10
N ALA C 246 23.62 42.95 -25.34
CA ALA C 246 23.73 43.10 -23.90
C ALA C 246 24.36 41.86 -23.27
N VAL C 247 23.89 40.67 -23.66
CA VAL C 247 24.44 39.46 -23.05
C VAL C 247 25.89 39.25 -23.47
N MET C 248 26.21 39.57 -24.73
CA MET C 248 27.60 39.46 -25.19
C MET C 248 28.51 40.41 -24.43
N ARG C 249 28.06 41.65 -24.21
CA ARG C 249 28.87 42.59 -23.45
C ARG C 249 29.05 42.13 -22.01
N TYR C 250 27.99 41.60 -21.40
CA TYR C 250 28.11 41.13 -20.03
C TYR C 250 29.11 39.97 -19.93
N LEU C 251 29.06 39.04 -20.89
CA LEU C 251 30.06 37.97 -20.88
C LEU C 251 31.45 38.51 -21.22
N GLN C 252 31.54 39.59 -21.98
CA GLN C 252 32.83 40.20 -22.28
C GLN C 252 33.47 40.78 -21.02
N THR C 253 32.66 41.38 -20.15
CA THR C 253 33.19 41.86 -18.87
C THR C 253 33.69 40.70 -18.01
N LEU C 254 33.17 39.50 -18.22
CA LEU C 254 33.62 38.32 -17.49
C LEU C 254 34.83 37.71 -18.19
N SER C 255 35.20 36.51 -17.74
CA SER C 255 36.33 35.79 -18.31
C SER C 255 36.00 35.25 -19.69
N SER D 113 33.29 -1.09 -14.63
CA SER D 113 33.01 -0.06 -13.63
C SER D 113 32.18 -0.63 -12.49
N SER D 114 31.68 -1.85 -12.68
CA SER D 114 30.87 -2.54 -11.67
C SER D 114 29.66 -1.72 -11.26
N ARG D 115 29.05 -1.03 -12.23
CA ARG D 115 27.88 -0.21 -11.95
C ARG D 115 26.67 -1.04 -11.55
N TRP D 116 26.53 -2.25 -12.07
CA TRP D 116 25.32 -3.05 -11.89
C TRP D 116 25.26 -3.54 -10.44
N SER D 117 24.90 -2.61 -9.55
CA SER D 117 24.65 -2.92 -8.16
C SER D 117 23.24 -3.44 -7.92
N LYS D 118 22.37 -3.39 -8.93
CA LYS D 118 21.00 -3.88 -8.80
C LYS D 118 20.59 -4.51 -10.12
N ASP D 119 19.69 -5.49 -10.03
CA ASP D 119 19.30 -6.26 -11.22
C ASP D 119 18.52 -5.40 -12.21
N TYR D 120 17.51 -4.67 -11.74
CA TYR D 120 16.58 -3.98 -12.61
C TYR D 120 16.87 -2.48 -12.60
N ASP D 121 16.37 -1.80 -13.65
CA ASP D 121 16.68 -0.40 -13.90
C ASP D 121 15.47 0.50 -13.85
N VAL D 122 14.37 0.13 -14.53
CA VAL D 122 13.19 0.98 -14.65
C VAL D 122 11.97 0.21 -14.15
N CYS D 123 11.12 0.90 -13.39
CA CYS D 123 9.85 0.36 -12.94
C CYS D 123 8.71 1.23 -13.45
N VAL D 124 7.59 0.60 -13.78
CA VAL D 124 6.43 1.29 -14.33
C VAL D 124 5.21 0.95 -13.50
N CYS D 125 4.49 1.98 -13.07
CA CYS D 125 3.21 1.83 -12.38
C CYS D 125 2.12 2.41 -13.27
N HIS D 126 1.06 1.64 -13.49
CA HIS D 126 0.04 2.02 -14.46
C HIS D 126 -1.32 1.51 -14.00
N SER D 127 -2.36 2.12 -14.55
CA SER D 127 -3.73 1.73 -14.24
C SER D 127 -4.01 0.34 -14.80
N GLU D 128 -4.81 -0.42 -14.05
CA GLU D 128 -5.09 -1.81 -14.41
C GLU D 128 -5.89 -1.94 -15.69
N GLU D 129 -6.47 -0.86 -16.20
CA GLU D 129 -7.31 -0.96 -17.40
C GLU D 129 -6.48 -1.03 -18.66
N ASP D 130 -5.48 -0.16 -18.80
CA ASP D 130 -4.68 -0.07 -20.02
C ASP D 130 -3.31 -0.70 -19.78
N LEU D 131 -3.24 -2.01 -19.97
CA LEU D 131 -1.96 -2.72 -19.94
C LEU D 131 -1.08 -2.31 -21.12
N VAL D 132 -1.72 -1.89 -22.22
CA VAL D 132 -0.98 -1.59 -23.44
C VAL D 132 -0.05 -0.41 -23.26
N ALA D 133 -0.43 0.56 -22.42
CA ALA D 133 0.43 1.72 -22.21
C ALA D 133 1.75 1.32 -21.54
N ALA D 134 1.66 0.52 -20.48
CA ALA D 134 2.87 0.06 -19.79
C ALA D 134 3.70 -0.86 -20.69
N GLN D 135 3.04 -1.75 -21.43
CA GLN D 135 3.76 -2.61 -22.35
C GLN D 135 4.49 -1.79 -23.40
N ASP D 136 3.84 -0.74 -23.92
CA ASP D 136 4.47 0.13 -24.90
C ASP D 136 5.67 0.85 -24.30
N LEU D 137 5.54 1.34 -23.06
CA LEU D 137 6.66 2.02 -22.43
C LEU D 137 7.86 1.08 -22.27
N VAL D 138 7.61 -0.15 -21.82
CA VAL D 138 8.72 -1.08 -21.62
C VAL D 138 9.34 -1.48 -22.96
N SER D 139 8.52 -1.78 -23.96
CA SER D 139 9.04 -2.21 -25.25
C SER D 139 9.62 -1.05 -26.06
N TYR D 140 9.36 0.19 -25.66
CA TYR D 140 10.00 1.34 -26.28
C TYR D 140 11.32 1.69 -25.59
N LEU D 141 11.39 1.52 -24.27
CA LEU D 141 12.62 1.82 -23.55
C LEU D 141 13.66 0.73 -23.74
N GLU D 142 13.25 -0.54 -23.78
CA GLU D 142 14.21 -1.62 -23.81
C GLU D 142 14.92 -1.72 -25.15
N GLY D 143 14.22 -1.42 -26.25
CA GLY D 143 14.77 -1.68 -27.56
C GLY D 143 15.97 -0.82 -27.91
N SER D 144 15.90 0.48 -27.61
CA SER D 144 16.96 1.39 -28.03
C SER D 144 18.11 1.50 -27.04
N THR D 145 18.01 0.85 -25.88
CA THR D 145 19.06 0.89 -24.86
C THR D 145 20.00 -0.29 -25.03
N ALA D 146 21.30 -0.02 -24.90
CA ALA D 146 22.29 -1.08 -25.04
C ALA D 146 22.13 -2.14 -23.96
N SER D 147 22.10 -1.71 -22.69
CA SER D 147 21.86 -2.63 -21.58
C SER D 147 21.16 -1.85 -20.46
N LEU D 148 19.82 -1.90 -20.48
CA LEU D 148 18.98 -1.24 -19.47
C LEU D 148 17.67 -2.04 -19.39
N ARG D 149 17.57 -2.86 -18.34
CA ARG D 149 16.42 -3.72 -18.16
C ARG D 149 15.25 -2.90 -17.62
N CYS D 150 14.17 -3.61 -17.26
CA CYS D 150 12.97 -2.96 -16.73
C CYS D 150 12.15 -3.99 -15.96
N PHE D 151 11.10 -3.52 -15.32
CA PHE D 151 10.17 -4.38 -14.60
C PHE D 151 8.74 -3.91 -14.83
N LEU D 152 7.83 -4.86 -14.97
CA LEU D 152 6.40 -4.59 -15.09
C LEU D 152 5.64 -5.63 -14.29
N GLN D 153 4.44 -5.27 -13.86
CA GLN D 153 3.66 -6.14 -12.97
C GLN D 153 3.27 -7.43 -13.68
N LEU D 154 2.47 -7.32 -14.75
CA LEU D 154 2.02 -8.53 -15.43
C LEU D 154 3.16 -9.28 -16.11
N ARG D 155 4.11 -8.56 -16.70
CA ARG D 155 5.16 -9.21 -17.48
C ARG D 155 6.21 -9.90 -16.63
N ASP D 156 6.47 -9.42 -15.41
CA ASP D 156 7.63 -9.88 -14.66
C ASP D 156 7.35 -10.29 -13.21
N ALA D 157 6.28 -9.80 -12.58
CA ALA D 157 6.05 -10.12 -11.18
C ALA D 157 5.72 -11.60 -11.01
N THR D 158 6.27 -12.19 -9.96
CA THR D 158 6.15 -13.63 -9.75
C THR D 158 4.70 -14.01 -9.50
N PRO D 159 4.19 -15.07 -10.12
CA PRO D 159 2.82 -15.52 -9.81
C PRO D 159 2.78 -16.31 -8.52
N GLY D 160 1.63 -16.27 -7.87
CA GLY D 160 1.44 -16.95 -6.60
C GLY D 160 1.85 -16.15 -5.38
N GLY D 161 2.39 -14.95 -5.56
CA GLY D 161 2.77 -14.09 -4.46
C GLY D 161 1.73 -13.01 -4.19
N ALA D 162 1.93 -12.31 -3.08
CA ALA D 162 0.99 -11.27 -2.68
C ALA D 162 1.10 -10.07 -3.62
N ILE D 163 -0.05 -9.46 -3.93
CA ILE D 163 -0.06 -8.27 -4.78
C ILE D 163 0.71 -7.14 -4.11
N VAL D 164 0.38 -6.87 -2.86
CA VAL D 164 0.98 -5.74 -2.14
C VAL D 164 2.48 -5.93 -1.99
N SER D 165 2.89 -7.13 -1.56
CA SER D 165 4.31 -7.39 -1.35
C SER D 165 5.08 -7.33 -2.67
N GLU D 166 4.52 -7.91 -3.73
CA GLU D 166 5.21 -7.89 -5.01
C GLU D 166 5.35 -6.47 -5.55
N LEU D 167 4.30 -5.66 -5.43
CA LEU D 167 4.39 -4.28 -5.88
C LEU D 167 5.41 -3.50 -5.07
N CYS D 168 5.42 -3.68 -3.75
CA CYS D 168 6.38 -2.96 -2.92
C CYS D 168 7.81 -3.35 -3.27
N GLN D 169 8.06 -4.65 -3.47
CA GLN D 169 9.39 -5.09 -3.88
C GLN D 169 9.76 -4.52 -5.24
N ALA D 170 8.80 -4.51 -6.18
CA ALA D 170 9.08 -3.99 -7.52
C ALA D 170 9.47 -2.52 -7.48
N LEU D 171 8.73 -1.72 -6.72
CA LEU D 171 9.10 -0.31 -6.59
C LEU D 171 10.45 -0.16 -5.88
N SER D 172 10.72 -0.99 -4.87
CA SER D 172 11.97 -0.88 -4.13
C SER D 172 13.17 -1.37 -4.93
N SER D 173 12.97 -2.38 -5.78
CA SER D 173 14.09 -3.02 -6.46
C SER D 173 14.55 -2.27 -7.71
N SER D 174 13.89 -1.18 -8.08
CA SER D 174 14.20 -0.49 -9.32
C SER D 174 15.07 0.74 -9.05
N HIS D 175 15.67 1.25 -10.13
CA HIS D 175 16.45 2.48 -10.07
C HIS D 175 15.63 3.72 -10.40
N CYS D 176 14.65 3.60 -11.30
CA CYS D 176 13.77 4.70 -11.64
C CYS D 176 12.34 4.18 -11.73
N ARG D 177 11.39 5.07 -11.43
CA ARG D 177 9.97 4.74 -11.42
C ARG D 177 9.23 5.65 -12.39
N VAL D 178 8.21 5.10 -13.04
CA VAL D 178 7.36 5.87 -13.96
C VAL D 178 5.91 5.61 -13.58
N LEU D 179 5.16 6.68 -13.35
CA LEU D 179 3.75 6.60 -13.01
C LEU D 179 2.92 7.08 -14.19
N LEU D 180 2.20 6.15 -14.82
CA LEU D 180 1.34 6.45 -15.96
C LEU D 180 0.00 6.91 -15.42
N ILE D 181 -0.27 8.22 -15.48
CA ILE D 181 -1.53 8.78 -15.03
C ILE D 181 -2.49 8.81 -16.21
N THR D 182 -3.65 8.20 -16.02
CA THR D 182 -4.65 8.01 -17.07
C THR D 182 -6.03 8.33 -16.52
N PRO D 183 -7.04 8.47 -17.37
CA PRO D 183 -8.40 8.69 -16.86
C PRO D 183 -8.87 7.61 -15.92
N GLY D 184 -8.45 6.36 -16.12
CA GLY D 184 -8.76 5.30 -15.18
C GLY D 184 -7.87 5.27 -13.96
N PHE D 185 -6.78 6.05 -13.95
CA PHE D 185 -5.90 6.09 -12.79
C PHE D 185 -6.62 6.67 -11.57
N LEU D 186 -7.41 7.72 -11.77
CA LEU D 186 -8.09 8.35 -10.65
C LEU D 186 -9.11 7.41 -10.01
N GLN D 187 -9.88 6.69 -10.83
CA GLN D 187 -10.94 5.84 -10.29
C GLN D 187 -10.39 4.57 -9.65
N ASP D 188 -9.43 3.92 -10.28
CA ASP D 188 -8.93 2.64 -9.78
C ASP D 188 -8.10 2.87 -8.52
N PRO D 189 -8.30 2.06 -7.47
CA PRO D 189 -7.58 2.30 -6.21
C PRO D 189 -6.20 1.68 -6.17
N TRP D 190 -5.97 0.61 -6.94
CA TRP D 190 -4.67 -0.07 -6.89
C TRP D 190 -3.56 0.82 -7.45
N CYS D 191 -3.83 1.51 -8.55
CA CYS D 191 -2.84 2.45 -9.07
C CYS D 191 -2.65 3.63 -8.12
N LYS D 192 -3.70 4.01 -7.39
CA LYS D 192 -3.55 5.02 -6.36
C LYS D 192 -2.59 4.54 -5.28
N TYR D 193 -2.72 3.28 -4.86
CA TYR D 193 -1.79 2.72 -3.89
C TYR D 193 -0.36 2.71 -4.45
N GLN D 194 -0.22 2.35 -5.73
CA GLN D 194 1.11 2.34 -6.34
C GLN D 194 1.72 3.73 -6.35
N MET D 195 0.92 4.75 -6.70
CA MET D 195 1.42 6.12 -6.69
C MET D 195 1.82 6.57 -5.31
N LEU D 196 1.01 6.24 -4.30
CA LEU D 196 1.31 6.61 -2.93
C LEU D 196 2.61 5.95 -2.46
N GLN D 197 2.79 4.67 -2.79
CA GLN D 197 4.03 3.98 -2.40
C GLN D 197 5.24 4.56 -3.13
N ALA D 198 5.07 4.90 -4.41
CA ALA D 198 6.18 5.51 -5.16
C ALA D 198 6.58 6.84 -4.55
N LEU D 199 5.60 7.65 -4.15
CA LEU D 199 5.91 8.90 -3.46
C LEU D 199 6.57 8.64 -2.12
N THR D 200 6.11 7.61 -1.39
CA THR D 200 6.67 7.32 -0.08
C THR D 200 8.14 6.91 -0.18
N GLU D 201 8.48 6.09 -1.18
CA GLU D 201 9.85 5.61 -1.30
C GLU D 201 10.83 6.76 -1.54
N ALA D 202 10.47 7.69 -2.43
CA ALA D 202 11.33 8.83 -2.78
C ALA D 202 10.51 10.11 -2.72
N PRO D 203 10.21 10.61 -1.52
CA PRO D 203 9.43 11.86 -1.42
C PRO D 203 10.13 13.05 -2.07
N GLY D 204 11.46 13.11 -2.01
CA GLY D 204 12.16 14.20 -2.66
C GLY D 204 12.05 14.10 -4.17
N ALA D 205 12.01 15.27 -4.82
CA ALA D 205 11.89 15.35 -6.27
C ALA D 205 13.27 15.32 -6.94
N GLU D 206 14.07 14.30 -6.60
CA GLU D 206 15.38 14.17 -7.20
C GLU D 206 15.29 13.75 -8.67
N GLY D 207 14.30 12.92 -9.00
CA GLY D 207 14.16 12.41 -10.35
C GLY D 207 13.89 10.92 -10.37
N CYS D 208 13.68 10.33 -9.19
CA CYS D 208 13.42 8.90 -9.11
C CYS D 208 12.12 8.53 -9.80
N THR D 209 11.08 9.32 -9.61
CA THR D 209 9.76 9.04 -10.17
C THR D 209 9.41 10.08 -11.23
N ILE D 210 8.84 9.60 -12.33
CA ILE D 210 8.47 10.42 -13.47
C ILE D 210 6.98 10.27 -13.72
N PRO D 211 6.19 11.32 -13.51
CA PRO D 211 4.77 11.26 -13.87
C PRO D 211 4.60 11.47 -15.37
N LEU D 212 4.00 10.47 -16.03
CA LEU D 212 3.68 10.53 -17.45
C LEU D 212 2.17 10.66 -17.56
N LEU D 213 1.71 11.86 -17.93
CA LEU D 213 0.28 12.13 -18.02
C LEU D 213 -0.29 11.66 -19.36
N SER D 214 -1.58 11.33 -19.35
CA SER D 214 -2.25 10.89 -20.57
C SER D 214 -3.75 11.17 -20.41
N GLY D 215 -4.22 12.23 -21.07
CA GLY D 215 -5.63 12.51 -21.16
C GLY D 215 -6.22 13.34 -20.04
N LEU D 216 -5.41 13.74 -19.05
CA LEU D 216 -5.89 14.56 -17.94
C LEU D 216 -5.45 16.00 -18.14
N SER D 217 -6.39 16.93 -18.01
CA SER D 217 -6.08 18.34 -18.08
C SER D 217 -5.32 18.78 -16.83
N ARG D 218 -4.70 19.96 -16.93
CA ARG D 218 -3.94 20.50 -15.81
C ARG D 218 -4.84 20.74 -14.60
N ALA D 219 -6.10 21.14 -14.84
CA ALA D 219 -7.02 21.41 -13.74
C ALA D 219 -7.34 20.14 -12.95
N ALA D 220 -7.49 19.02 -13.64
CA ALA D 220 -7.84 17.75 -13.02
C ALA D 220 -6.63 17.00 -12.49
N TYR D 221 -5.44 17.60 -12.57
CA TYR D 221 -4.23 16.94 -12.11
C TYR D 221 -4.34 16.62 -10.62
N PRO D 222 -3.89 15.44 -10.19
CA PRO D 222 -4.00 15.08 -8.77
C PRO D 222 -3.29 16.09 -7.88
N PRO D 223 -3.93 16.52 -6.79
CA PRO D 223 -3.31 17.50 -5.91
C PRO D 223 -2.02 17.03 -5.27
N GLU D 224 -1.86 15.71 -5.10
CA GLU D 224 -0.68 15.18 -4.42
C GLU D 224 0.60 15.37 -5.22
N LEU D 225 0.50 15.59 -6.53
CA LEU D 225 1.68 15.67 -7.40
C LEU D 225 1.88 17.07 -7.98
N ARG D 226 1.19 18.09 -7.47
CA ARG D 226 1.24 19.41 -8.06
C ARG D 226 2.60 20.08 -7.97
N PHE D 227 3.51 19.55 -7.16
CA PHE D 227 4.81 20.17 -6.94
C PHE D 227 5.89 19.68 -7.91
N MET D 228 5.56 18.73 -8.79
CA MET D 228 6.53 18.13 -9.69
C MET D 228 6.22 18.46 -11.14
N TYR D 229 7.27 18.54 -11.95
CA TYR D 229 7.10 18.52 -13.39
C TYR D 229 6.53 17.17 -13.82
N TYR D 230 5.68 17.22 -14.84
CA TYR D 230 5.03 16.04 -15.38
C TYR D 230 5.22 16.01 -16.89
N VAL D 231 5.51 14.83 -17.43
CA VAL D 231 5.66 14.69 -18.87
C VAL D 231 4.30 14.85 -19.52
N ASP D 232 4.17 15.86 -20.37
CA ASP D 232 2.89 16.15 -21.01
C ASP D 232 2.53 15.06 -22.00
N GLY D 233 1.26 14.66 -21.98
CA GLY D 233 0.74 13.68 -22.91
C GLY D 233 0.12 14.26 -24.16
N ARG D 234 0.20 15.57 -24.36
CA ARG D 234 -0.42 16.25 -25.49
C ARG D 234 0.40 16.15 -26.78
N GLY D 235 1.63 15.65 -26.70
CA GLY D 235 2.44 15.45 -27.88
C GLY D 235 1.98 14.24 -28.66
N PRO D 236 2.56 14.02 -29.85
CA PRO D 236 2.19 12.83 -30.63
C PRO D 236 2.44 11.53 -29.87
N ASP D 237 3.50 11.47 -29.08
CA ASP D 237 3.78 10.35 -28.20
C ASP D 237 4.42 10.87 -26.92
N GLY D 238 4.22 10.13 -25.83
CA GLY D 238 4.88 10.49 -24.58
C GLY D 238 6.39 10.40 -24.69
N GLY D 239 6.89 9.33 -25.31
CA GLY D 239 8.32 9.15 -25.48
C GLY D 239 8.99 10.23 -26.30
N PHE D 240 8.22 11.03 -27.03
CA PHE D 240 8.79 12.19 -27.72
C PHE D 240 9.42 13.17 -26.74
N ARG D 241 8.99 13.18 -25.48
CA ARG D 241 9.65 13.97 -24.46
C ARG D 241 10.90 13.31 -23.92
N GLN D 242 11.18 12.07 -24.34
CA GLN D 242 12.47 11.41 -24.12
C GLN D 242 12.75 11.24 -22.62
N VAL D 243 11.86 10.48 -21.96
CA VAL D 243 12.06 10.15 -20.55
C VAL D 243 13.28 9.26 -20.36
N LYS D 244 13.67 8.54 -21.42
CA LYS D 244 14.89 7.75 -21.35
C LYS D 244 16.10 8.63 -21.09
N GLU D 245 16.08 9.87 -21.57
CA GLU D 245 17.15 10.81 -21.23
C GLU D 245 17.18 11.06 -19.73
N ALA D 246 16.01 11.23 -19.12
CA ALA D 246 15.95 11.47 -17.68
C ALA D 246 16.49 10.27 -16.90
N VAL D 247 16.07 9.07 -17.28
CA VAL D 247 16.52 7.89 -16.54
C VAL D 247 18.02 7.65 -16.76
N MET D 248 18.51 7.89 -17.98
CA MET D 248 19.93 7.73 -18.25
C MET D 248 20.75 8.73 -17.46
N ARG D 249 20.29 9.98 -17.37
CA ARG D 249 21.03 10.98 -16.61
C ARG D 249 21.02 10.64 -15.12
N TYR D 250 19.88 10.16 -14.60
CA TYR D 250 19.85 9.77 -13.20
C TYR D 250 20.83 8.62 -12.93
N LEU D 251 20.87 7.63 -13.83
CA LEU D 251 21.80 6.53 -13.66
C LEU D 251 23.24 7.00 -13.78
N GLN D 252 23.52 7.96 -14.66
CA GLN D 252 24.86 8.50 -14.78
C GLN D 252 25.30 9.19 -13.50
N THR D 253 24.41 9.99 -12.90
CA THR D 253 24.74 10.63 -11.64
C THR D 253 24.85 9.61 -10.51
N LEU D 254 24.13 8.50 -10.61
CA LEU D 254 24.22 7.45 -9.61
C LEU D 254 25.63 6.87 -9.56
N SER D 255 26.16 6.48 -10.71
CA SER D 255 27.50 5.90 -10.78
C SER D 255 28.12 6.10 -12.15
N SER E 113 -33.09 6.27 10.64
CA SER E 113 -32.07 6.63 9.67
C SER E 113 -31.61 5.41 8.88
N SER E 114 -31.87 4.23 9.43
CA SER E 114 -31.53 2.96 8.80
C SER E 114 -30.03 2.88 8.51
N ARG E 115 -29.22 3.37 9.44
CA ARG E 115 -27.76 3.25 9.30
C ARG E 115 -27.31 1.80 9.44
N TRP E 116 -28.17 0.94 10.00
CA TRP E 116 -27.82 -0.44 10.29
C TRP E 116 -28.03 -1.27 9.02
N SER E 117 -27.22 -0.98 8.01
CA SER E 117 -27.24 -1.71 6.75
C SER E 117 -26.34 -2.93 6.77
N LYS E 118 -25.56 -3.13 7.83
CA LYS E 118 -24.67 -4.28 7.93
C LYS E 118 -24.76 -4.83 9.35
N ASP E 119 -24.43 -6.12 9.48
CA ASP E 119 -24.55 -6.79 10.77
C ASP E 119 -23.55 -6.22 11.79
N TYR E 120 -22.30 -6.06 11.39
CA TYR E 120 -21.24 -5.66 12.30
C TYR E 120 -20.64 -4.34 11.86
N ASP E 121 -19.79 -3.77 12.72
CA ASP E 121 -19.18 -2.47 12.49
C ASP E 121 -17.67 -2.48 12.46
N VAL E 122 -17.01 -3.23 13.35
CA VAL E 122 -15.57 -3.21 13.45
C VAL E 122 -15.04 -4.64 13.37
N CYS E 123 -13.99 -4.83 12.57
CA CYS E 123 -13.29 -6.11 12.47
C CYS E 123 -11.84 -5.89 12.86
N VAL E 124 -11.29 -6.85 13.60
CA VAL E 124 -9.94 -6.74 14.14
C VAL E 124 -9.11 -7.92 13.64
N CYS E 125 -7.96 -7.62 13.07
CA CYS E 125 -6.99 -8.62 12.64
C CYS E 125 -5.76 -8.52 13.52
N HIS E 126 -5.37 -9.63 14.15
CA HIS E 126 -4.33 -9.61 15.16
C HIS E 126 -3.47 -10.86 15.07
N SER E 127 -2.29 -10.78 15.67
CA SER E 127 -1.40 -11.93 15.73
C SER E 127 -1.99 -13.01 16.62
N GLU E 128 -1.74 -14.27 16.25
CA GLU E 128 -2.31 -15.41 16.96
C GLU E 128 -1.75 -15.57 18.37
N GLU E 129 -0.65 -14.92 18.70
CA GLU E 129 -0.03 -15.12 20.01
C GLU E 129 -0.74 -14.31 21.10
N ASP E 130 -0.73 -12.99 20.97
CA ASP E 130 -1.32 -12.11 21.99
C ASP E 130 -2.73 -11.70 21.56
N LEU E 131 -3.65 -12.67 21.69
CA LEU E 131 -5.06 -12.40 21.44
C LEU E 131 -5.65 -11.46 22.48
N VAL E 132 -4.99 -11.32 23.63
CA VAL E 132 -5.46 -10.40 24.66
C VAL E 132 -5.52 -8.97 24.13
N ALA E 133 -4.67 -8.64 23.15
CA ALA E 133 -4.69 -7.30 22.58
C ALA E 133 -6.01 -7.04 21.84
N ALA E 134 -6.42 -7.96 20.98
CA ALA E 134 -7.69 -7.80 20.27
C ALA E 134 -8.86 -7.87 21.24
N GLN E 135 -8.77 -8.75 22.24
CA GLN E 135 -9.83 -8.81 23.26
C GLN E 135 -9.96 -7.47 23.98
N ASP E 136 -8.83 -6.86 24.34
CA ASP E 136 -8.86 -5.56 24.99
C ASP E 136 -9.43 -4.50 24.06
N LEU E 137 -9.07 -4.53 22.78
CA LEU E 137 -9.60 -3.56 21.83
C LEU E 137 -11.12 -3.66 21.75
N VAL E 138 -11.65 -4.87 21.64
CA VAL E 138 -13.10 -5.02 21.53
C VAL E 138 -13.80 -4.64 22.82
N SER E 139 -13.24 -5.06 23.97
CA SER E 139 -13.85 -4.74 25.25
C SER E 139 -13.70 -3.27 25.64
N TYR E 140 -12.82 -2.54 24.96
CA TYR E 140 -12.69 -1.10 25.17
C TYR E 140 -13.52 -0.31 24.17
N LEU E 141 -13.79 -0.89 23.00
CA LEU E 141 -14.55 -0.18 21.99
C LEU E 141 -16.06 -0.40 22.13
N GLU E 142 -16.48 -1.57 22.61
CA GLU E 142 -17.91 -1.84 22.73
C GLU E 142 -18.52 -1.14 23.93
N GLY E 143 -17.78 -1.06 25.04
CA GLY E 143 -18.36 -0.58 26.28
C GLY E 143 -18.76 0.88 26.25
N SER E 144 -17.91 1.74 25.72
CA SER E 144 -18.14 3.18 25.80
C SER E 144 -19.11 3.71 24.75
N THR E 145 -19.46 2.89 23.75
CA THR E 145 -20.33 3.34 22.67
C THR E 145 -21.81 3.05 22.96
N ALA E 146 -22.11 1.85 23.44
CA ALA E 146 -23.45 1.34 23.75
C ALA E 146 -24.30 1.11 22.51
N SER E 147 -23.81 1.44 21.31
CA SER E 147 -24.53 1.16 20.08
C SER E 147 -23.63 0.40 19.11
N LEU E 148 -22.34 0.69 19.16
CA LEU E 148 -21.38 0.02 18.28
C LEU E 148 -21.15 -1.43 18.72
N ARG E 149 -20.93 -2.29 17.73
CA ARG E 149 -20.55 -3.68 17.95
C ARG E 149 -19.29 -3.96 17.15
N CYS E 150 -18.83 -5.20 17.19
CA CYS E 150 -17.53 -5.55 16.61
C CYS E 150 -17.50 -7.04 16.30
N PHE E 151 -16.37 -7.49 15.76
CA PHE E 151 -16.16 -8.89 15.42
C PHE E 151 -14.73 -9.28 15.78
N LEU E 152 -14.57 -10.47 16.34
CA LEU E 152 -13.26 -11.03 16.66
C LEU E 152 -13.23 -12.48 16.20
N GLN E 153 -12.01 -12.98 15.97
CA GLN E 153 -11.85 -14.33 15.44
C GLN E 153 -12.30 -15.39 16.44
N LEU E 154 -11.64 -15.45 17.60
CA LEU E 154 -12.00 -16.47 18.59
C LEU E 154 -13.36 -16.21 19.21
N ARG E 155 -13.79 -14.95 19.32
CA ARG E 155 -15.00 -14.62 20.05
C ARG E 155 -16.26 -14.77 19.19
N ASP E 156 -16.15 -14.62 17.88
CA ASP E 156 -17.33 -14.57 17.02
C ASP E 156 -17.31 -15.52 15.83
N ALA E 157 -16.15 -15.90 15.32
CA ALA E 157 -16.13 -16.74 14.13
C ALA E 157 -16.76 -18.09 14.41
N THR E 158 -17.62 -18.53 13.50
CA THR E 158 -18.38 -19.75 13.72
C THR E 158 -17.46 -20.96 13.75
N PRO E 159 -17.68 -21.91 14.65
CA PRO E 159 -16.87 -23.12 14.67
C PRO E 159 -17.35 -24.13 13.65
N GLY E 160 -16.43 -24.97 13.20
CA GLY E 160 -16.73 -25.96 12.18
C GLY E 160 -16.63 -25.44 10.76
N GLY E 161 -16.33 -24.15 10.57
CA GLY E 161 -16.14 -23.59 9.25
C GLY E 161 -14.67 -23.37 8.95
N ALA E 162 -14.39 -23.04 7.70
CA ALA E 162 -13.02 -22.83 7.28
C ALA E 162 -12.46 -21.54 7.86
N ILE E 163 -11.17 -21.58 8.21
CA ILE E 163 -10.50 -20.38 8.71
C ILE E 163 -10.47 -19.30 7.64
N VAL E 164 -10.10 -19.68 6.41
CA VAL E 164 -9.94 -18.72 5.33
C VAL E 164 -11.27 -18.06 5.01
N SER E 165 -12.33 -18.87 4.86
CA SER E 165 -13.63 -18.33 4.51
C SER E 165 -14.18 -17.43 5.61
N GLU E 166 -14.03 -17.85 6.87
CA GLU E 166 -14.54 -17.04 7.97
C GLU E 166 -13.79 -15.73 8.09
N LEU E 167 -12.46 -15.75 7.93
CA LEU E 167 -11.69 -14.50 7.95
C LEU E 167 -12.12 -13.58 6.82
N CYS E 168 -12.29 -14.12 5.61
CA CYS E 168 -12.70 -13.28 4.49
C CYS E 168 -14.08 -12.68 4.73
N GLN E 169 -15.02 -13.48 5.23
CA GLN E 169 -16.37 -12.97 5.48
C GLN E 169 -16.35 -11.92 6.59
N ALA E 170 -15.56 -12.13 7.63
CA ALA E 170 -15.46 -11.16 8.71
C ALA E 170 -14.87 -9.84 8.21
N LEU E 171 -13.84 -9.92 7.36
CA LEU E 171 -13.27 -8.70 6.80
C LEU E 171 -14.28 -7.99 5.91
N SER E 172 -15.05 -8.73 5.12
CA SER E 172 -16.02 -8.10 4.23
C SER E 172 -17.22 -7.55 5.00
N SER E 173 -17.66 -8.25 6.03
CA SER E 173 -18.90 -7.91 6.73
C SER E 173 -18.75 -6.82 7.77
N SER E 174 -17.67 -6.04 7.73
CA SER E 174 -17.42 -5.00 8.72
C SER E 174 -17.44 -3.62 8.07
N HIS E 175 -17.60 -2.61 8.90
CA HIS E 175 -17.54 -1.22 8.45
C HIS E 175 -16.14 -0.63 8.57
N CYS E 176 -15.37 -1.06 9.58
CA CYS E 176 -14.00 -0.62 9.76
C CYS E 176 -13.13 -1.81 10.14
N ARG E 177 -11.88 -1.78 9.69
CA ARG E 177 -10.92 -2.84 9.95
C ARG E 177 -9.77 -2.27 10.78
N VAL E 178 -9.28 -3.07 11.73
CA VAL E 178 -8.17 -2.68 12.59
C VAL E 178 -7.12 -3.79 12.54
N LEU E 179 -5.88 -3.43 12.24
CA LEU E 179 -4.79 -4.39 12.14
C LEU E 179 -3.81 -4.12 13.27
N LEU E 180 -3.74 -5.05 14.22
CA LEU E 180 -2.80 -4.99 15.33
C LEU E 180 -1.46 -5.56 14.86
N ILE E 181 -0.42 -4.73 14.85
CA ILE E 181 0.91 -5.16 14.46
C ILE E 181 1.75 -5.32 15.72
N THR E 182 2.36 -6.48 15.87
CA THR E 182 3.12 -6.87 17.04
C THR E 182 4.43 -7.51 16.60
N PRO E 183 5.38 -7.69 17.51
CA PRO E 183 6.61 -8.41 17.13
C PRO E 183 6.36 -9.80 16.58
N GLY E 184 5.28 -10.46 17.03
CA GLY E 184 4.89 -11.73 16.44
C GLY E 184 4.13 -11.61 15.13
N PHE E 185 3.68 -10.40 14.78
CA PHE E 185 2.98 -10.21 13.52
C PHE E 185 3.90 -10.47 12.33
N LEU E 186 5.17 -10.07 12.44
CA LEU E 186 6.09 -10.24 11.32
C LEU E 186 6.38 -11.71 11.05
N GLN E 187 6.39 -12.54 12.09
CA GLN E 187 6.76 -13.93 11.92
C GLN E 187 5.57 -14.81 11.55
N ASP E 188 4.44 -14.62 12.21
CA ASP E 188 3.28 -15.48 11.97
C ASP E 188 2.73 -15.22 10.57
N PRO E 189 2.40 -16.26 9.81
CA PRO E 189 1.93 -16.04 8.43
C PRO E 189 0.43 -15.74 8.34
N TRP E 190 -0.36 -16.22 9.31
CA TRP E 190 -1.80 -16.01 9.23
C TRP E 190 -2.17 -14.54 9.38
N CYS E 191 -1.50 -13.83 10.28
CA CYS E 191 -1.74 -12.40 10.39
C CYS E 191 -1.25 -11.65 9.15
N LYS E 192 -0.20 -12.16 8.50
CA LYS E 192 0.20 -11.60 7.22
C LYS E 192 -0.89 -11.77 6.18
N TYR E 193 -1.52 -12.94 6.14
CA TYR E 193 -2.65 -13.15 5.24
C TYR E 193 -3.79 -12.20 5.56
N GLN E 194 -4.06 -12.00 6.85
CA GLN E 194 -5.11 -11.06 7.25
C GLN E 194 -4.80 -9.64 6.78
N MET E 195 -3.54 -9.21 6.95
CA MET E 195 -3.14 -7.88 6.50
C MET E 195 -3.31 -7.74 4.99
N LEU E 196 -2.85 -8.75 4.25
CA LEU E 196 -2.97 -8.69 2.79
C LEU E 196 -4.41 -8.64 2.34
N GLN E 197 -5.28 -9.43 2.97
CA GLN E 197 -6.70 -9.42 2.61
C GLN E 197 -7.35 -8.09 2.97
N ALA E 198 -6.99 -7.51 4.12
CA ALA E 198 -7.53 -6.22 4.50
C ALA E 198 -7.12 -5.14 3.53
N LEU E 199 -5.85 -5.17 3.09
CA LEU E 199 -5.41 -4.22 2.08
C LEU E 199 -6.11 -4.44 0.75
N THR E 200 -6.34 -5.71 0.38
CA THR E 200 -7.00 -6.01 -0.88
C THR E 200 -8.44 -5.51 -0.90
N GLU E 201 -9.15 -5.66 0.22
CA GLU E 201 -10.56 -5.25 0.25
C GLU E 201 -10.69 -3.74 0.08
N ALA E 202 -9.85 -2.96 0.73
CA ALA E 202 -9.88 -1.50 0.67
C ALA E 202 -8.48 -0.97 0.36
N PRO E 203 -8.04 -1.10 -0.90
CA PRO E 203 -6.71 -0.57 -1.25
C PRO E 203 -6.59 0.93 -1.06
N GLY E 204 -7.68 1.68 -1.29
CA GLY E 204 -7.63 3.12 -1.07
C GLY E 204 -7.53 3.44 0.41
N ALA E 205 -6.81 4.52 0.72
CA ALA E 205 -6.62 4.96 2.10
C ALA E 205 -7.73 5.90 2.55
N GLU E 206 -8.99 5.45 2.39
CA GLU E 206 -10.12 6.26 2.80
C GLU E 206 -10.23 6.33 4.32
N GLY E 207 -9.88 5.25 5.01
CA GLY E 207 -9.99 5.19 6.45
C GLY E 207 -10.58 3.88 6.93
N CYS E 208 -10.82 2.96 5.99
CA CYS E 208 -11.37 1.66 6.36
C CYS E 208 -10.41 0.88 7.26
N THR E 209 -9.12 0.91 6.93
CA THR E 209 -8.11 0.16 7.66
C THR E 209 -7.36 1.08 8.62
N ILE E 210 -7.17 0.62 9.85
CA ILE E 210 -6.46 1.35 10.88
C ILE E 210 -5.35 0.47 11.42
N PRO E 211 -4.10 0.75 11.07
CA PRO E 211 -2.97 0.07 11.73
C PRO E 211 -2.88 0.50 13.19
N LEU E 212 -2.43 -0.42 14.04
CA LEU E 212 -2.18 -0.15 15.45
C LEU E 212 -0.88 -0.85 15.81
N LEU E 213 0.20 -0.07 15.92
CA LEU E 213 1.52 -0.63 16.15
C LEU E 213 1.76 -0.87 17.63
N SER E 214 2.56 -1.90 17.92
CA SER E 214 2.90 -2.22 19.31
C SER E 214 4.23 -2.98 19.29
N GLY E 215 5.31 -2.30 19.65
CA GLY E 215 6.60 -2.92 19.81
C GLY E 215 7.54 -2.82 18.62
N LEU E 216 7.05 -2.41 17.45
CA LEU E 216 7.89 -2.26 16.28
C LEU E 216 8.44 -0.85 16.19
N SER E 217 9.73 -0.73 15.97
CA SER E 217 10.33 0.56 15.67
C SER E 217 9.90 1.02 14.28
N ARG E 218 9.95 2.33 14.06
CA ARG E 218 9.57 2.89 12.77
C ARG E 218 10.44 2.32 11.65
N ALA E 219 11.71 2.03 11.93
CA ALA E 219 12.59 1.49 10.91
C ALA E 219 12.14 0.11 10.45
N ALA E 220 11.71 -0.74 11.38
CA ALA E 220 11.28 -2.10 11.07
C ALA E 220 9.82 -2.17 10.65
N TYR E 221 9.22 -1.05 10.30
CA TYR E 221 7.81 -1.04 9.91
C TYR E 221 7.63 -1.87 8.64
N PRO E 222 6.51 -2.59 8.52
CA PRO E 222 6.27 -3.40 7.31
C PRO E 222 6.35 -2.55 6.05
N PRO E 223 7.09 -3.00 5.04
CA PRO E 223 7.21 -2.21 3.81
C PRO E 223 5.89 -2.03 3.09
N GLU E 224 4.91 -2.90 3.32
CA GLU E 224 3.65 -2.84 2.60
C GLU E 224 2.76 -1.70 3.07
N LEU E 225 2.99 -1.14 4.26
CA LEU E 225 2.10 -0.16 4.85
C LEU E 225 2.72 1.21 5.05
N ARG E 226 3.87 1.48 4.43
CA ARG E 226 4.53 2.76 4.66
C ARG E 226 3.77 3.95 4.09
N PHE E 227 2.74 3.73 3.27
CA PHE E 227 2.06 4.84 2.62
C PHE E 227 0.92 5.42 3.46
N MET E 228 0.24 4.62 4.26
CA MET E 228 -0.83 5.15 5.10
C MET E 228 -0.28 5.57 6.47
N TYR E 229 -1.04 6.42 7.14
CA TYR E 229 -0.73 6.76 8.52
C TYR E 229 -0.95 5.56 9.42
N TYR E 230 -0.20 5.51 10.51
CA TYR E 230 -0.29 4.42 11.47
C TYR E 230 -0.44 4.98 12.87
N VAL E 231 -1.33 4.36 13.66
CA VAL E 231 -1.51 4.76 15.04
C VAL E 231 -0.30 4.30 15.86
N ASP E 232 0.36 5.24 16.52
CA ASP E 232 1.54 4.92 17.30
C ASP E 232 1.18 4.10 18.53
N GLY E 233 2.13 3.29 18.98
CA GLY E 233 1.93 2.50 20.19
C GLY E 233 2.83 2.93 21.33
N ARG E 234 3.66 3.94 21.08
CA ARG E 234 4.64 4.41 22.06
C ARG E 234 4.05 5.35 23.10
N GLY E 235 2.78 5.71 22.97
CA GLY E 235 2.13 6.55 23.95
C GLY E 235 1.78 5.77 25.20
N PRO E 236 1.15 6.44 26.18
CA PRO E 236 0.73 5.73 27.38
C PRO E 236 -0.20 4.56 27.11
N ASP E 237 -1.07 4.70 26.11
CA ASP E 237 -1.94 3.62 25.69
C ASP E 237 -2.30 3.83 24.23
N GLY E 238 -2.54 2.72 23.52
CA GLY E 238 -2.97 2.83 22.13
C GLY E 238 -4.33 3.49 22.00
N GLY E 239 -5.28 3.06 22.83
CA GLY E 239 -6.62 3.63 22.80
C GLY E 239 -6.67 5.11 23.13
N PHE E 240 -5.64 5.63 23.79
CA PHE E 240 -5.57 7.07 24.04
C PHE E 240 -5.45 7.86 22.75
N ARG E 241 -5.03 7.23 21.65
CA ARG E 241 -5.08 7.88 20.34
C ARG E 241 -6.50 7.98 19.81
N GLN E 242 -7.47 7.35 20.47
CA GLN E 242 -8.89 7.53 20.21
C GLN E 242 -9.25 7.11 18.78
N VAL E 243 -9.01 5.82 18.52
CA VAL E 243 -9.39 5.24 17.23
C VAL E 243 -10.92 5.18 17.08
N LYS E 244 -11.64 5.18 18.20
CA LYS E 244 -13.09 5.26 18.14
C LYS E 244 -13.54 6.54 17.46
N GLU E 245 -12.78 7.62 17.59
CA GLU E 245 -13.10 8.83 16.84
C GLU E 245 -13.01 8.57 15.34
N ALA E 246 -11.97 7.84 14.91
CA ALA E 246 -11.83 7.52 13.50
C ALA E 246 -12.99 6.68 13.00
N VAL E 247 -13.36 5.65 13.75
CA VAL E 247 -14.45 4.78 13.30
C VAL E 247 -15.78 5.52 13.32
N MET E 248 -16.00 6.37 14.32
CA MET E 248 -17.22 7.16 14.37
C MET E 248 -17.31 8.14 13.22
N ARG E 249 -16.19 8.78 12.87
CA ARG E 249 -16.18 9.70 11.73
C ARG E 249 -16.46 8.95 10.44
N TYR E 250 -15.84 7.77 10.27
CA TYR E 250 -16.09 6.99 9.06
C TYR E 250 -17.55 6.59 8.94
N LEU E 251 -18.17 6.19 10.05
CA LEU E 251 -19.59 5.86 10.03
C LEU E 251 -20.44 7.11 9.79
N GLN E 252 -20.00 8.26 10.28
CA GLN E 252 -20.71 9.50 10.04
C GLN E 252 -20.72 9.86 8.56
N THR E 253 -19.60 9.66 7.87
CA THR E 253 -19.58 9.88 6.42
C THR E 253 -20.48 8.89 5.70
N LEU E 254 -20.79 7.76 6.32
CA LEU E 254 -21.69 6.77 5.75
C LEU E 254 -23.14 7.19 6.02
N SER E 255 -24.07 6.27 5.78
CA SER E 255 -25.49 6.54 6.01
C SER E 255 -25.78 6.70 7.50
N SER F 113 24.17 -32.24 -5.03
CA SER F 113 23.79 -31.08 -4.25
C SER F 113 22.75 -31.45 -3.19
N SER F 114 22.28 -32.70 -3.25
CA SER F 114 21.30 -33.22 -2.30
C SER F 114 20.03 -32.37 -2.28
N ARG F 115 19.59 -31.94 -3.47
CA ARG F 115 18.34 -31.20 -3.57
C ARG F 115 17.13 -32.06 -3.26
N TRP F 116 17.27 -33.38 -3.31
CA TRP F 116 16.15 -34.31 -3.15
C TRP F 116 15.93 -34.58 -1.67
N SER F 117 15.26 -33.63 -1.02
CA SER F 117 14.89 -33.76 0.38
C SER F 117 13.40 -34.06 0.57
N LYS F 118 12.63 -34.14 -0.51
CA LYS F 118 11.19 -34.40 -0.42
C LYS F 118 10.82 -35.44 -1.46
N ASP F 119 9.69 -36.09 -1.24
CA ASP F 119 9.28 -37.19 -2.12
C ASP F 119 9.00 -36.70 -3.54
N TYR F 120 8.26 -35.61 -3.67
CA TYR F 120 7.83 -35.12 -4.98
C TYR F 120 8.05 -33.62 -5.06
N ASP F 121 7.93 -33.09 -6.28
CA ASP F 121 8.20 -31.69 -6.57
C ASP F 121 6.96 -30.84 -6.73
N VAL F 122 6.00 -31.26 -7.55
CA VAL F 122 4.80 -30.48 -7.84
C VAL F 122 3.58 -31.27 -7.44
N CYS F 123 2.67 -30.63 -6.71
CA CYS F 123 1.37 -31.20 -6.37
C CYS F 123 0.29 -30.39 -7.06
N VAL F 124 -0.69 -31.09 -7.64
CA VAL F 124 -1.75 -30.46 -8.42
C VAL F 124 -3.08 -30.79 -7.78
N CYS F 125 -3.87 -29.75 -7.50
CA CYS F 125 -5.23 -29.89 -6.98
C CYS F 125 -6.19 -29.38 -8.05
N HIS F 126 -7.16 -30.21 -8.42
CA HIS F 126 -8.04 -29.89 -9.53
C HIS F 126 -9.46 -30.33 -9.21
N SER F 127 -10.41 -29.76 -9.94
CA SER F 127 -11.80 -30.15 -9.81
C SER F 127 -12.00 -31.59 -10.25
N GLU F 128 -12.93 -32.27 -9.58
CA GLU F 128 -13.17 -33.69 -9.83
C GLU F 128 -13.74 -33.95 -11.23
N GLU F 129 -14.20 -32.93 -11.93
CA GLU F 129 -14.83 -33.14 -13.23
C GLU F 129 -13.79 -33.30 -14.34
N ASP F 130 -12.95 -32.28 -14.54
CA ASP F 130 -12.00 -32.28 -15.65
C ASP F 130 -10.63 -32.74 -15.15
N LEU F 131 -10.48 -34.06 -15.05
CA LEU F 131 -9.17 -34.64 -14.75
C LEU F 131 -8.17 -34.35 -15.86
N VAL F 132 -8.67 -34.12 -17.08
CA VAL F 132 -7.79 -33.87 -18.22
C VAL F 132 -6.93 -32.64 -17.99
N ALA F 133 -7.42 -31.66 -17.24
CA ALA F 133 -6.63 -30.46 -16.97
C ALA F 133 -5.38 -30.79 -16.16
N ALA F 134 -5.56 -31.54 -15.07
CA ALA F 134 -4.41 -31.93 -14.25
C ALA F 134 -3.48 -32.87 -15.02
N GLN F 135 -4.05 -33.79 -15.79
CA GLN F 135 -3.21 -34.67 -16.61
C GLN F 135 -2.38 -33.86 -17.59
N ASP F 136 -2.98 -32.85 -18.23
CA ASP F 136 -2.25 -32.01 -19.16
C ASP F 136 -1.16 -31.23 -18.45
N LEU F 137 -1.46 -30.71 -17.25
CA LEU F 137 -0.44 -29.97 -16.51
C LEU F 137 0.76 -30.85 -16.19
N VAL F 138 0.51 -32.07 -15.71
CA VAL F 138 1.61 -32.95 -15.34
C VAL F 138 2.39 -33.40 -16.57
N SER F 139 1.68 -33.77 -17.65
CA SER F 139 2.35 -34.21 -18.86
C SER F 139 3.00 -33.06 -19.63
N TYR F 140 2.70 -31.82 -19.27
CA TYR F 140 3.38 -30.67 -19.83
C TYR F 140 4.56 -30.22 -18.97
N LEU F 141 4.52 -30.48 -17.67
CA LEU F 141 5.58 -30.04 -16.78
C LEU F 141 6.68 -31.08 -16.63
N GLU F 142 6.34 -32.37 -16.63
CA GLU F 142 7.34 -33.41 -16.42
C GLU F 142 8.18 -33.64 -17.68
N GLY F 143 7.56 -33.51 -18.86
CA GLY F 143 8.25 -33.89 -20.08
C GLY F 143 9.44 -33.01 -20.42
N SER F 144 9.28 -31.69 -20.27
CA SER F 144 10.31 -30.75 -20.71
C SER F 144 11.45 -30.59 -19.69
N THR F 145 11.34 -31.19 -18.51
CA THR F 145 12.35 -31.02 -17.47
C THR F 145 13.37 -32.16 -17.46
N ALA F 146 12.90 -33.40 -17.59
CA ALA F 146 13.69 -34.64 -17.58
C ALA F 146 14.28 -34.96 -16.22
N SER F 147 14.10 -34.09 -15.23
CA SER F 147 14.52 -34.34 -13.85
C SER F 147 13.40 -34.10 -12.85
N LEU F 148 12.51 -33.14 -13.13
CA LEU F 148 11.39 -32.86 -12.25
C LEU F 148 10.37 -33.98 -12.32
N ARG F 149 9.78 -34.30 -11.17
CA ARG F 149 8.63 -35.20 -11.09
C ARG F 149 7.45 -34.43 -10.51
N CYS F 150 6.34 -35.13 -10.30
CA CYS F 150 5.11 -34.48 -9.89
C CYS F 150 4.21 -35.49 -9.21
N PHE F 151 3.05 -35.01 -8.73
CA PHE F 151 2.04 -35.84 -8.11
C PHE F 151 0.67 -35.43 -8.63
N LEU F 152 -0.17 -36.42 -8.89
CA LEU F 152 -1.56 -36.20 -9.29
C LEU F 152 -2.45 -37.10 -8.45
N GLN F 153 -3.70 -36.66 -8.25
CA GLN F 153 -4.60 -37.39 -7.38
C GLN F 153 -4.98 -38.76 -7.98
N LEU F 154 -5.62 -38.75 -9.14
CA LEU F 154 -6.14 -40.00 -9.70
C LEU F 154 -5.02 -40.91 -10.22
N ARG F 155 -3.84 -40.38 -10.49
CA ARG F 155 -2.79 -41.19 -11.11
C ARG F 155 -1.78 -41.71 -10.09
N ASP F 156 -1.60 -41.00 -8.96
CA ASP F 156 -0.61 -41.38 -7.97
C ASP F 156 -1.16 -41.82 -6.62
N ALA F 157 -2.42 -41.54 -6.31
CA ALA F 157 -2.95 -41.88 -5.00
C ALA F 157 -2.95 -43.38 -4.77
N THR F 158 -2.50 -43.79 -3.60
CA THR F 158 -2.50 -45.21 -3.26
C THR F 158 -3.94 -45.71 -3.17
N PRO F 159 -4.25 -46.83 -3.82
CA PRO F 159 -5.61 -47.36 -3.75
C PRO F 159 -5.86 -48.10 -2.44
N GLY F 160 -7.10 -47.99 -1.97
CA GLY F 160 -7.48 -48.55 -0.69
C GLY F 160 -7.23 -47.67 0.49
N GLY F 161 -6.60 -46.50 0.30
CA GLY F 161 -6.39 -45.55 1.37
C GLY F 161 -7.46 -44.46 1.36
N ALA F 162 -7.47 -43.69 2.44
CA ALA F 162 -8.45 -42.63 2.61
C ALA F 162 -8.19 -41.49 1.64
N ILE F 163 -9.26 -40.86 1.18
CA ILE F 163 -9.12 -39.69 0.31
C ILE F 163 -8.49 -38.53 1.08
N VAL F 164 -9.01 -38.26 2.28
CA VAL F 164 -8.57 -37.11 3.04
C VAL F 164 -7.10 -37.23 3.41
N SER F 165 -6.70 -38.39 3.93
CA SER F 165 -5.31 -38.59 4.34
C SER F 165 -4.38 -38.56 3.14
N GLU F 166 -4.78 -39.16 2.02
CA GLU F 166 -3.92 -39.17 0.84
C GLU F 166 -3.72 -37.76 0.30
N LEU F 167 -4.79 -36.96 0.23
CA LEU F 167 -4.64 -35.58 -0.22
C LEU F 167 -3.79 -34.76 0.74
N CYS F 168 -3.96 -34.95 2.05
CA CYS F 168 -3.14 -34.21 3.00
C CYS F 168 -1.66 -34.57 2.84
N GLN F 169 -1.36 -35.86 2.72
CA GLN F 169 0.02 -36.29 2.55
C GLN F 169 0.60 -35.78 1.23
N ALA F 170 -0.20 -35.80 0.15
CA ALA F 170 0.26 -35.29 -1.13
C ALA F 170 0.57 -33.81 -1.07
N LEU F 171 -0.30 -33.03 -0.42
CA LEU F 171 -0.04 -31.61 -0.28
C LEU F 171 1.20 -31.35 0.58
N SER F 172 1.41 -32.17 1.61
CA SER F 172 2.56 -31.97 2.48
C SER F 172 3.86 -32.41 1.81
N SER F 173 3.82 -33.49 1.02
CA SER F 173 5.03 -34.10 0.49
C SER F 173 5.48 -33.50 -0.84
N SER F 174 5.09 -32.27 -1.14
CA SER F 174 5.48 -31.63 -2.40
C SER F 174 6.21 -30.31 -2.14
N HIS F 175 6.90 -29.84 -3.17
CA HIS F 175 7.60 -28.57 -3.12
C HIS F 175 6.75 -27.40 -3.60
N CYS F 176 5.91 -27.61 -4.61
CA CYS F 176 5.05 -26.56 -5.12
C CYS F 176 3.64 -27.12 -5.32
N ARG F 177 2.64 -26.28 -5.09
CA ARG F 177 1.24 -26.64 -5.22
C ARG F 177 0.61 -25.83 -6.34
N VAL F 178 -0.25 -26.47 -7.12
CA VAL F 178 -0.96 -25.82 -8.22
C VAL F 178 -2.45 -26.03 -8.02
N LEU F 179 -3.20 -24.94 -8.00
CA LEU F 179 -4.65 -24.99 -7.79
C LEU F 179 -5.35 -24.63 -9.09
N LEU F 180 -5.97 -25.62 -9.73
CA LEU F 180 -6.71 -25.41 -10.96
C LEU F 180 -8.12 -24.95 -10.61
N ILE F 181 -8.44 -23.70 -10.93
CA ILE F 181 -9.77 -23.16 -10.67
C ILE F 181 -10.57 -23.23 -11.96
N THR F 182 -11.75 -23.83 -11.89
CA THR F 182 -12.62 -24.10 -13.03
C THR F 182 -14.04 -23.71 -12.66
N PRO F 183 -14.94 -23.61 -13.64
CA PRO F 183 -16.34 -23.33 -13.31
C PRO F 183 -16.94 -24.36 -12.38
N GLY F 184 -16.51 -25.63 -12.47
CA GLY F 184 -16.93 -26.63 -11.52
C GLY F 184 -16.21 -26.62 -10.20
N PHE F 185 -15.14 -25.82 -10.08
CA PHE F 185 -14.41 -25.72 -8.82
C PHE F 185 -15.28 -25.13 -7.73
N LEU F 186 -16.06 -24.11 -8.06
CA LEU F 186 -16.90 -23.45 -7.05
C LEU F 186 -17.96 -24.40 -6.51
N GLN F 187 -18.60 -25.18 -7.38
CA GLN F 187 -19.68 -26.05 -6.95
C GLN F 187 -19.18 -27.27 -6.19
N ASP F 188 -18.11 -27.90 -6.68
CA ASP F 188 -17.64 -29.15 -6.07
C ASP F 188 -16.99 -28.85 -4.72
N PRO F 189 -17.31 -29.62 -3.69
CA PRO F 189 -16.75 -29.32 -2.35
C PRO F 189 -15.38 -29.93 -2.10
N TRP F 190 -15.04 -31.01 -2.80
CA TRP F 190 -13.74 -31.65 -2.57
C TRP F 190 -12.59 -30.75 -3.01
N CYS F 191 -12.74 -30.09 -4.16
CA CYS F 191 -11.70 -29.14 -4.57
C CYS F 191 -11.68 -27.92 -3.66
N LYS F 192 -12.82 -27.57 -3.05
CA LYS F 192 -12.82 -26.52 -2.03
C LYS F 192 -11.97 -26.96 -0.83
N TYR F 193 -12.12 -28.22 -0.41
CA TYR F 193 -11.27 -28.74 0.65
C TYR F 193 -9.80 -28.70 0.25
N GLN F 194 -9.51 -29.05 -1.01
CA GLN F 194 -8.14 -29.01 -1.50
C GLN F 194 -7.57 -27.60 -1.43
N MET F 195 -8.35 -26.61 -1.86
CA MET F 195 -7.91 -25.22 -1.82
C MET F 195 -7.67 -24.75 -0.39
N LEU F 196 -8.61 -25.08 0.51
CA LEU F 196 -8.47 -24.65 1.89
C LEU F 196 -7.24 -25.28 2.54
N GLN F 197 -6.99 -26.56 2.28
CA GLN F 197 -5.80 -27.21 2.83
C GLN F 197 -4.53 -26.63 2.23
N ALA F 198 -4.53 -26.32 0.93
CA ALA F 198 -3.36 -25.74 0.30
C ALA F 198 -3.02 -24.38 0.90
N LEU F 199 -4.04 -23.55 1.15
CA LEU F 199 -3.80 -22.29 1.83
C LEU F 199 -3.36 -22.50 3.27
N THR F 200 -3.93 -23.51 3.95
CA THR F 200 -3.58 -23.76 5.34
C THR F 200 -2.11 -24.15 5.50
N GLU F 201 -1.62 -25.00 4.59
CA GLU F 201 -0.24 -25.46 4.70
C GLU F 201 0.76 -24.32 4.55
N ALA F 202 0.52 -23.43 3.60
CA ALA F 202 1.40 -22.28 3.33
C ALA F 202 0.57 -21.01 3.27
N PRO F 203 0.13 -20.49 4.41
CA PRO F 203 -0.65 -19.25 4.40
C PRO F 203 0.10 -18.06 3.82
N GLY F 204 1.42 -18.00 4.00
CA GLY F 204 2.19 -16.92 3.42
C GLY F 204 2.29 -17.08 1.91
N ALA F 205 2.22 -15.94 1.21
CA ALA F 205 2.30 -15.93 -0.25
C ALA F 205 3.74 -15.92 -0.74
N GLU F 206 4.53 -16.89 -0.28
CA GLU F 206 5.92 -16.97 -0.69
C GLU F 206 6.04 -17.38 -2.16
N GLY F 207 5.13 -18.24 -2.63
CA GLY F 207 5.18 -18.73 -3.99
C GLY F 207 4.91 -20.22 -4.09
N CYS F 208 4.58 -20.84 -2.95
CA CYS F 208 4.30 -22.26 -2.95
C CYS F 208 3.07 -22.58 -3.79
N THR F 209 2.02 -21.78 -3.67
CA THR F 209 0.75 -22.05 -4.33
C THR F 209 0.63 -21.21 -5.59
N ILE F 210 0.21 -21.85 -6.68
CA ILE F 210 0.04 -21.20 -7.97
C ILE F 210 -1.40 -21.41 -8.42
N PRO F 211 -2.23 -20.38 -8.34
CA PRO F 211 -3.60 -20.51 -8.88
C PRO F 211 -3.59 -20.37 -10.40
N LEU F 212 -4.17 -21.36 -11.08
CA LEU F 212 -4.33 -21.37 -12.52
C LEU F 212 -5.82 -21.29 -12.81
N LEU F 213 -6.26 -20.11 -13.26
CA LEU F 213 -7.68 -19.88 -13.53
C LEU F 213 -8.06 -20.43 -14.89
N SER F 214 -9.34 -20.80 -15.04
CA SER F 214 -9.84 -21.31 -16.31
C SER F 214 -11.35 -21.04 -16.35
N GLY F 215 -11.76 -20.04 -17.13
CA GLY F 215 -13.16 -19.78 -17.37
C GLY F 215 -13.85 -18.87 -16.38
N LEU F 216 -13.18 -18.45 -15.32
CA LEU F 216 -13.77 -17.55 -14.34
C LEU F 216 -13.35 -16.12 -14.63
N SER F 217 -14.33 -15.21 -14.66
CA SER F 217 -14.03 -13.80 -14.74
C SER F 217 -13.47 -13.30 -13.43
N ARG F 218 -12.86 -12.11 -13.48
CA ARG F 218 -12.30 -11.51 -12.28
C ARG F 218 -13.37 -11.25 -11.22
N ALA F 219 -14.58 -10.91 -11.65
CA ALA F 219 -15.65 -10.62 -10.70
C ALA F 219 -16.05 -11.87 -9.92
N ALA F 220 -16.07 -13.02 -10.58
CA ALA F 220 -16.49 -14.27 -9.96
C ALA F 220 -15.35 -14.98 -9.23
N TYR F 221 -14.18 -14.36 -9.16
CA TYR F 221 -13.04 -14.95 -8.48
C TYR F 221 -13.38 -15.20 -7.01
N PRO F 222 -12.98 -16.34 -6.44
CA PRO F 222 -13.30 -16.61 -5.04
C PRO F 222 -12.64 -15.61 -4.12
N PRO F 223 -13.41 -15.00 -3.22
CA PRO F 223 -12.85 -13.95 -2.36
C PRO F 223 -11.76 -14.43 -1.42
N GLU F 224 -11.66 -15.74 -1.19
CA GLU F 224 -10.64 -16.26 -0.29
C GLU F 224 -9.23 -16.11 -0.86
N LEU F 225 -9.10 -15.88 -2.17
CA LEU F 225 -7.79 -15.83 -2.82
C LEU F 225 -7.51 -14.50 -3.50
N ARG F 226 -8.23 -13.43 -3.16
CA ARG F 226 -8.08 -12.17 -3.87
C ARG F 226 -6.75 -11.49 -3.59
N PHE F 227 -5.98 -11.96 -2.61
CA PHE F 227 -4.76 -11.27 -2.21
C PHE F 227 -3.53 -11.70 -2.98
N MET F 228 -3.54 -12.87 -3.62
CA MET F 228 -2.38 -13.32 -4.40
C MET F 228 -2.62 -13.09 -5.89
N TYR F 229 -1.52 -13.06 -6.63
CA TYR F 229 -1.59 -13.14 -8.08
C TYR F 229 -2.13 -14.50 -8.51
N TYR F 230 -2.79 -14.50 -9.65
CA TYR F 230 -3.37 -15.70 -10.24
C TYR F 230 -2.97 -15.77 -11.70
N VAL F 231 -2.57 -16.96 -12.14
CA VAL F 231 -2.20 -17.17 -13.53
C VAL F 231 -3.46 -17.09 -14.39
N ASP F 232 -3.48 -16.14 -15.32
CA ASP F 232 -4.64 -15.94 -16.17
C ASP F 232 -4.80 -17.10 -17.14
N GLY F 233 -6.04 -17.53 -17.34
CA GLY F 233 -6.37 -18.55 -18.31
C GLY F 233 -6.69 -18.04 -19.70
N ARG F 234 -6.54 -16.74 -19.93
CA ARG F 234 -6.91 -16.13 -21.20
C ARG F 234 -5.87 -16.34 -22.29
N GLY F 235 -4.71 -16.87 -21.95
CA GLY F 235 -3.69 -17.18 -22.94
C GLY F 235 -4.10 -18.36 -23.79
N PRO F 236 -3.43 -18.55 -24.93
CA PRO F 236 -3.75 -19.70 -25.78
C PRO F 236 -3.63 -21.03 -25.05
N ASP F 237 -2.63 -21.15 -24.17
CA ASP F 237 -2.50 -22.27 -23.26
C ASP F 237 -2.18 -21.73 -21.87
N GLY F 238 -2.61 -22.48 -20.85
CA GLY F 238 -2.33 -22.06 -19.49
C GLY F 238 -0.85 -21.95 -19.20
N GLY F 239 -0.06 -22.86 -19.76
CA GLY F 239 1.37 -22.87 -19.56
C GLY F 239 2.13 -21.76 -20.25
N PHE F 240 1.46 -20.94 -21.06
CA PHE F 240 2.13 -19.83 -21.71
C PHE F 240 2.67 -18.81 -20.72
N ARG F 241 2.09 -18.73 -19.52
CA ARG F 241 2.66 -17.91 -18.46
C ARG F 241 3.85 -18.58 -17.78
N GLN F 242 4.14 -19.83 -18.14
CA GLN F 242 5.38 -20.51 -17.78
C GLN F 242 5.51 -20.63 -16.26
N VAL F 243 4.55 -21.37 -15.68
CA VAL F 243 4.59 -21.67 -14.25
C VAL F 243 5.77 -22.57 -13.89
N LYS F 244 6.30 -23.30 -14.87
CA LYS F 244 7.52 -24.07 -14.65
C LYS F 244 8.68 -23.16 -14.27
N GLU F 245 8.72 -21.95 -14.80
CA GLU F 245 9.71 -20.98 -14.35
C GLU F 245 9.51 -20.66 -12.87
N ALA F 246 8.26 -20.51 -12.45
CA ALA F 246 7.98 -20.23 -11.04
C ALA F 246 8.44 -21.36 -10.14
N VAL F 247 8.14 -22.61 -10.52
CA VAL F 247 8.51 -23.73 -9.66
C VAL F 247 10.02 -23.91 -9.63
N MET F 248 10.70 -23.72 -10.77
CA MET F 248 12.15 -23.79 -10.75
C MET F 248 12.77 -22.67 -9.93
N ARG F 249 12.19 -21.46 -9.99
CA ARG F 249 12.71 -20.38 -9.16
C ARG F 249 12.54 -20.69 -7.68
N TYR F 250 11.39 -21.24 -7.29
CA TYR F 250 11.18 -21.62 -5.90
C TYR F 250 12.16 -22.70 -5.47
N LEU F 251 12.40 -23.70 -6.33
CA LEU F 251 13.37 -24.74 -6.01
C LEU F 251 14.78 -24.18 -5.90
N GLN F 252 15.13 -23.22 -6.76
CA GLN F 252 16.45 -22.59 -6.68
C GLN F 252 16.62 -21.83 -5.37
N THR F 253 15.57 -21.11 -4.95
CA THR F 253 15.64 -20.44 -3.65
C THR F 253 15.74 -21.45 -2.51
N LEU F 254 15.04 -22.58 -2.62
CA LEU F 254 15.11 -23.60 -1.58
C LEU F 254 16.51 -24.17 -1.46
N SER F 255 17.15 -24.44 -2.59
CA SER F 255 18.51 -24.99 -2.58
C SER F 255 19.26 -24.58 -3.84
N SER G 113 -44.87 -25.38 9.97
CA SER G 113 -43.55 -25.08 9.44
C SER G 113 -42.90 -26.36 8.87
N SER G 114 -43.18 -27.48 9.52
CA SER G 114 -42.66 -28.78 9.10
C SER G 114 -41.13 -28.79 9.03
N ARG G 115 -40.50 -28.19 10.05
CA ARG G 115 -39.04 -28.20 10.13
C ARG G 115 -38.49 -29.59 10.39
N TRP G 116 -39.33 -30.53 10.82
CA TRP G 116 -38.88 -31.88 11.18
C TRP G 116 -38.93 -32.76 9.93
N SER G 117 -37.80 -32.79 9.21
CA SER G 117 -37.68 -33.55 7.98
C SER G 117 -36.62 -34.64 8.05
N LYS G 118 -35.89 -34.76 9.15
CA LYS G 118 -34.82 -35.75 9.29
C LYS G 118 -35.07 -36.57 10.54
N ASP G 119 -34.39 -37.72 10.61
CA ASP G 119 -34.57 -38.62 11.74
C ASP G 119 -34.12 -37.99 13.05
N TYR G 120 -32.99 -37.29 13.02
CA TYR G 120 -32.40 -36.75 14.24
C TYR G 120 -31.73 -35.42 13.93
N ASP G 121 -31.23 -34.76 14.98
CA ASP G 121 -30.65 -33.42 14.85
C ASP G 121 -29.14 -33.40 15.06
N VAL G 122 -28.62 -34.13 16.05
CA VAL G 122 -27.21 -34.10 16.37
C VAL G 122 -26.67 -35.53 16.39
N CYS G 123 -25.53 -35.73 15.75
CA CYS G 123 -24.80 -36.99 15.80
C CYS G 123 -23.42 -36.74 16.38
N VAL G 124 -22.95 -37.69 17.20
CA VAL G 124 -21.69 -37.55 17.91
C VAL G 124 -20.80 -38.73 17.56
N CYS G 125 -19.57 -38.45 17.15
CA CYS G 125 -18.55 -39.46 16.91
C CYS G 125 -17.45 -39.28 17.94
N HIS G 126 -17.09 -40.37 18.61
CA HIS G 126 -16.17 -40.31 19.73
C HIS G 126 -15.32 -41.57 19.77
N SER G 127 -14.18 -41.45 20.47
CA SER G 127 -13.30 -42.59 20.67
C SER G 127 -13.99 -43.64 21.54
N GLU G 128 -13.68 -44.91 21.27
CA GLU G 128 -14.34 -46.01 21.96
C GLU G 128 -13.98 -46.09 23.44
N GLU G 129 -12.98 -45.34 23.89
CA GLU G 129 -12.56 -45.43 25.29
C GLU G 129 -13.46 -44.59 26.19
N ASP G 130 -13.65 -43.31 25.86
CA ASP G 130 -14.37 -42.38 26.72
C ASP G 130 -15.81 -42.23 26.21
N LEU G 131 -16.63 -43.22 26.54
CA LEU G 131 -18.07 -43.09 26.30
C LEU G 131 -18.67 -41.97 27.15
N VAL G 132 -18.03 -41.67 28.29
CA VAL G 132 -18.56 -40.67 29.20
C VAL G 132 -18.58 -39.30 28.55
N ALA G 133 -17.61 -38.99 27.70
CA ALA G 133 -17.59 -37.69 27.04
C ALA G 133 -18.77 -37.54 26.10
N ALA G 134 -19.06 -38.57 25.31
CA ALA G 134 -20.20 -38.50 24.39
C ALA G 134 -21.52 -38.45 25.15
N GLN G 135 -21.64 -39.25 26.22
CA GLN G 135 -22.86 -39.19 27.04
C GLN G 135 -23.02 -37.80 27.64
N ASP G 136 -21.92 -37.19 28.09
CA ASP G 136 -21.99 -35.85 28.63
C ASP G 136 -22.44 -34.84 27.58
N LEU G 137 -21.93 -34.96 26.36
CA LEU G 137 -22.35 -34.07 25.29
C LEU G 137 -23.85 -34.21 25.01
N VAL G 138 -24.33 -35.44 24.92
CA VAL G 138 -25.75 -35.66 24.61
C VAL G 138 -26.64 -35.16 25.75
N SER G 139 -26.26 -35.44 27.00
CA SER G 139 -27.07 -35.04 28.14
C SER G 139 -26.90 -33.57 28.49
N TYR G 140 -25.92 -32.89 27.90
CA TYR G 140 -25.80 -31.45 28.03
C TYR G 140 -26.49 -30.70 26.91
N LEU G 141 -26.64 -31.34 25.75
CA LEU G 141 -27.31 -30.70 24.62
C LEU G 141 -28.82 -30.92 24.63
N GLU G 142 -29.27 -32.16 24.87
CA GLU G 142 -30.70 -32.44 24.81
C GLU G 142 -31.46 -31.78 25.96
N GLY G 143 -30.84 -31.69 27.13
CA GLY G 143 -31.58 -31.26 28.31
C GLY G 143 -32.07 -29.83 28.24
N SER G 144 -31.22 -28.91 27.80
CA SER G 144 -31.57 -27.50 27.81
C SER G 144 -32.46 -27.10 26.65
N THR G 145 -32.66 -27.98 25.67
CA THR G 145 -33.48 -27.65 24.50
C THR G 145 -34.96 -27.97 24.71
N ALA G 146 -35.27 -29.15 25.23
CA ALA G 146 -36.61 -29.68 25.49
C ALA G 146 -37.38 -29.96 24.21
N SER G 147 -36.82 -29.69 23.03
CA SER G 147 -37.48 -30.01 21.77
C SER G 147 -36.51 -30.70 20.83
N LEU G 148 -35.21 -30.52 21.08
CA LEU G 148 -34.18 -31.12 20.24
C LEU G 148 -33.72 -32.45 20.82
N ARG G 149 -33.53 -33.43 19.94
CA ARG G 149 -33.03 -34.74 20.34
C ARG G 149 -31.67 -34.97 19.68
N CYS G 150 -31.13 -36.17 19.85
CA CYS G 150 -29.78 -36.47 19.39
C CYS G 150 -29.67 -37.96 19.11
N PHE G 151 -28.50 -38.37 18.61
CA PHE G 151 -28.18 -39.77 18.37
C PHE G 151 -26.78 -40.07 18.88
N LEU G 152 -26.61 -41.26 19.45
CA LEU G 152 -25.31 -41.72 19.92
C LEU G 152 -25.14 -43.18 19.52
N GLN G 153 -23.88 -43.60 19.40
CA GLN G 153 -23.58 -44.93 18.88
C GLN G 153 -24.04 -46.03 19.86
N LEU G 154 -23.46 -46.06 21.05
CA LEU G 154 -23.79 -47.13 21.99
C LEU G 154 -25.19 -46.95 22.56
N ARG G 155 -25.66 -45.71 22.69
CA ARG G 155 -26.95 -45.45 23.31
C ARG G 155 -28.11 -45.78 22.38
N ASP G 156 -27.91 -45.68 21.06
CA ASP G 156 -29.04 -45.70 20.13
C ASP G 156 -28.91 -46.65 18.95
N ALA G 157 -27.71 -47.11 18.60
CA ALA G 157 -27.57 -48.00 17.45
C ALA G 157 -28.25 -49.33 17.73
N THR G 158 -29.00 -49.83 16.75
CA THR G 158 -29.77 -51.04 16.94
C THR G 158 -28.85 -52.24 17.15
N PRO G 159 -29.05 -53.03 18.19
CA PRO G 159 -28.23 -54.23 18.37
C PRO G 159 -28.60 -55.29 17.34
N GLY G 160 -27.62 -56.12 17.01
CA GLY G 160 -27.81 -57.15 16.00
C GLY G 160 -27.53 -56.70 14.58
N GLY G 161 -27.27 -55.42 14.36
CA GLY G 161 -26.95 -54.92 13.04
C GLY G 161 -25.46 -54.69 12.87
N ALA G 162 -25.08 -54.43 11.62
CA ALA G 162 -23.67 -54.22 11.30
C ALA G 162 -23.20 -52.89 11.89
N ILE G 163 -21.96 -52.89 12.39
CA ILE G 163 -21.39 -51.67 12.96
C ILE G 163 -21.22 -50.61 11.88
N VAL G 164 -20.63 -51.00 10.75
CA VAL G 164 -20.30 -50.03 9.70
C VAL G 164 -21.58 -49.39 9.18
N SER G 165 -22.60 -50.20 8.87
CA SER G 165 -23.84 -49.66 8.35
C SER G 165 -24.54 -48.78 9.38
N GLU G 166 -24.52 -49.19 10.65
CA GLU G 166 -25.20 -48.43 11.69
C GLU G 166 -24.56 -47.05 11.84
N LEU G 167 -23.24 -46.99 11.89
CA LEU G 167 -22.58 -45.68 12.00
C LEU G 167 -22.76 -44.85 10.74
N CYS G 168 -22.75 -45.48 9.56
CA CYS G 168 -22.99 -44.71 8.34
C CYS G 168 -24.38 -44.10 8.35
N GLN G 169 -25.39 -44.86 8.75
CA GLN G 169 -26.74 -44.32 8.85
C GLN G 169 -26.82 -43.23 9.91
N ALA G 170 -26.13 -43.42 11.04
CA ALA G 170 -26.14 -42.43 12.10
C ALA G 170 -25.59 -41.09 11.62
N LEU G 171 -24.46 -41.13 10.91
CA LEU G 171 -23.91 -39.90 10.34
C LEU G 171 -24.83 -39.32 9.28
N SER G 172 -25.45 -40.17 8.46
CA SER G 172 -26.28 -39.67 7.37
C SER G 172 -27.61 -39.10 7.87
N SER G 173 -28.21 -39.73 8.88
CA SER G 173 -29.56 -39.38 9.31
C SER G 173 -29.59 -38.28 10.37
N SER G 174 -28.59 -37.41 10.43
CA SER G 174 -28.54 -36.34 11.42
C SER G 174 -28.33 -35.00 10.75
N HIS G 175 -28.70 -33.94 11.46
CA HIS G 175 -28.51 -32.58 10.96
C HIS G 175 -27.12 -32.04 11.25
N CYS G 176 -26.50 -32.45 12.35
CA CYS G 176 -25.17 -31.97 12.72
C CYS G 176 -24.32 -33.13 13.22
N ARG G 177 -23.02 -33.00 13.04
CA ARG G 177 -22.05 -34.01 13.46
C ARG G 177 -21.01 -33.37 14.39
N VAL G 178 -20.64 -34.10 15.44
CA VAL G 178 -19.65 -33.64 16.39
C VAL G 178 -18.56 -34.70 16.52
N LEU G 179 -17.31 -34.28 16.35
CA LEU G 179 -16.17 -35.19 16.40
C LEU G 179 -15.37 -34.90 17.66
N LEU G 180 -15.43 -35.81 18.63
CA LEU G 180 -14.68 -35.70 19.88
C LEU G 180 -13.29 -36.25 19.66
N ILE G 181 -12.30 -35.36 19.54
CA ILE G 181 -10.91 -35.77 19.34
C ILE G 181 -10.22 -35.80 20.70
N THR G 182 -9.54 -36.89 20.99
CA THR G 182 -8.87 -37.16 22.26
C THR G 182 -7.53 -37.81 21.98
N PRO G 183 -6.67 -37.95 23.00
CA PRO G 183 -5.43 -38.71 22.79
C PRO G 183 -5.68 -40.14 22.34
N GLY G 184 -6.77 -40.76 22.77
CA GLY G 184 -7.13 -42.07 22.26
C GLY G 184 -7.77 -42.07 20.89
N PHE G 185 -8.17 -40.89 20.40
CA PHE G 185 -8.74 -40.80 19.06
C PHE G 185 -7.70 -41.14 18.00
N LEU G 186 -6.46 -40.68 18.19
CA LEU G 186 -5.43 -40.93 17.18
C LEU G 186 -5.13 -42.42 17.05
N GLN G 187 -5.02 -43.13 18.18
CA GLN G 187 -4.62 -44.52 18.14
C GLN G 187 -5.74 -45.43 17.64
N ASP G 188 -6.96 -45.22 18.11
CA ASP G 188 -8.06 -46.13 17.76
C ASP G 188 -8.45 -45.95 16.30
N PRO G 189 -8.66 -47.04 15.55
CA PRO G 189 -8.96 -46.91 14.12
C PRO G 189 -10.43 -46.64 13.83
N TRP G 190 -11.33 -47.09 14.71
CA TRP G 190 -12.76 -46.93 14.45
C TRP G 190 -13.17 -45.46 14.48
N CYS G 191 -12.66 -44.70 15.45
CA CYS G 191 -12.96 -43.28 15.48
C CYS G 191 -12.32 -42.56 14.29
N LYS G 192 -11.18 -43.06 13.80
CA LYS G 192 -10.62 -42.54 12.56
C LYS G 192 -11.57 -42.79 11.40
N TYR G 193 -12.18 -43.97 11.35
CA TYR G 193 -13.17 -44.25 10.31
C TYR G 193 -14.35 -43.29 10.41
N GLN G 194 -14.82 -43.04 11.64
CA GLN G 194 -15.94 -42.11 11.82
C GLN G 194 -15.57 -40.71 11.37
N MET G 195 -14.35 -40.26 11.69
CA MET G 195 -13.87 -38.96 11.25
C MET G 195 -13.83 -38.88 9.73
N LEU G 196 -13.29 -39.92 9.10
CA LEU G 196 -13.17 -39.93 7.65
C LEU G 196 -14.54 -39.90 6.99
N GLN G 197 -15.50 -40.68 7.52
CA GLN G 197 -16.85 -40.66 6.96
C GLN G 197 -17.52 -39.31 7.17
N ALA G 198 -17.31 -38.69 8.33
CA ALA G 198 -17.91 -37.39 8.61
C ALA G 198 -17.38 -36.33 7.65
N LEU G 199 -16.07 -36.35 7.38
CA LEU G 199 -15.52 -35.43 6.38
C LEU G 199 -16.04 -35.77 4.99
N THR G 200 -16.19 -37.05 4.68
CA THR G 200 -16.65 -37.44 3.34
C THR G 200 -18.07 -36.97 3.08
N GLU G 201 -18.96 -37.09 4.06
CA GLU G 201 -20.35 -36.72 3.86
C GLU G 201 -20.50 -35.22 3.59
N ALA G 202 -19.79 -34.39 4.34
CA ALA G 202 -19.85 -32.93 4.19
C ALA G 202 -18.44 -32.37 4.10
N PRO G 203 -17.77 -32.55 2.96
CA PRO G 203 -16.42 -31.98 2.80
C PRO G 203 -16.38 -30.48 2.93
N GLY G 204 -17.42 -29.78 2.48
CA GLY G 204 -17.45 -28.34 2.62
C GLY G 204 -17.62 -27.93 4.08
N ALA G 205 -16.89 -26.89 4.46
CA ALA G 205 -16.92 -26.40 5.85
C ALA G 205 -18.06 -25.43 6.07
N GLU G 206 -19.29 -25.87 5.74
CA GLU G 206 -20.46 -25.03 5.96
C GLU G 206 -20.76 -24.87 7.44
N GLY G 207 -20.50 -25.92 8.23
CA GLY G 207 -20.82 -25.90 9.65
C GLY G 207 -21.45 -27.19 10.10
N CYS G 208 -21.52 -28.17 9.20
CA CYS G 208 -22.13 -29.45 9.53
C CYS G 208 -21.33 -30.18 10.61
N THR G 209 -20.01 -30.17 10.51
CA THR G 209 -19.15 -30.90 11.43
C THR G 209 -18.52 -29.94 12.44
N ILE G 210 -18.45 -30.37 13.69
CA ILE G 210 -17.85 -29.59 14.77
C ILE G 210 -16.76 -30.42 15.44
N PRO G 211 -15.49 -30.12 15.21
CA PRO G 211 -14.43 -30.75 16.00
C PRO G 211 -14.50 -30.27 17.44
N LEU G 212 -14.04 -31.13 18.35
CA LEU G 212 -13.96 -30.81 19.77
C LEU G 212 -12.73 -31.50 20.34
N LEU G 213 -11.64 -30.76 20.48
CA LEU G 213 -10.42 -31.31 21.04
C LEU G 213 -10.53 -31.47 22.55
N SER G 214 -9.82 -32.47 23.08
CA SER G 214 -9.74 -32.66 24.53
C SER G 214 -8.43 -33.37 24.84
N GLY G 215 -7.44 -32.60 25.30
CA GLY G 215 -6.18 -33.17 25.72
C GLY G 215 -5.08 -33.19 24.67
N LEU G 216 -5.39 -32.83 23.43
CA LEU G 216 -4.39 -32.78 22.37
C LEU G 216 -4.02 -31.34 22.07
N SER G 217 -2.72 -31.05 22.07
CA SER G 217 -2.24 -29.72 21.74
C SER G 217 -2.41 -29.42 20.26
N ARG G 218 -2.32 -28.14 19.92
CA ARG G 218 -2.44 -27.73 18.53
C ARG G 218 -1.36 -28.35 17.65
N ALA G 219 -0.17 -28.59 18.21
CA ALA G 219 0.93 -29.14 17.41
C ALA G 219 0.60 -30.53 16.91
N ALA G 220 0.01 -31.38 17.75
CA ALA G 220 -0.31 -32.75 17.37
C ALA G 220 -1.71 -32.88 16.78
N TYR G 221 -2.29 -31.78 16.34
CA TYR G 221 -3.64 -31.83 15.78
C TYR G 221 -3.65 -32.67 14.51
N PRO G 222 -4.69 -33.47 14.27
CA PRO G 222 -4.78 -34.26 13.03
C PRO G 222 -4.56 -33.39 11.81
N PRO G 223 -3.60 -33.76 10.96
CA PRO G 223 -3.32 -32.94 9.77
C PRO G 223 -4.49 -32.88 8.80
N GLU G 224 -5.44 -33.80 8.88
CA GLU G 224 -6.57 -33.81 7.96
C GLU G 224 -7.59 -32.72 8.27
N LEU G 225 -7.57 -32.16 9.49
CA LEU G 225 -8.56 -31.18 9.91
C LEU G 225 -7.96 -29.80 10.16
N ARG G 226 -6.77 -29.54 9.63
CA ARG G 226 -6.10 -28.28 9.92
C ARG G 226 -6.76 -27.08 9.23
N PHE G 227 -7.73 -27.31 8.36
CA PHE G 227 -8.30 -26.20 7.59
C PHE G 227 -9.53 -25.59 8.25
N MET G 228 -10.32 -26.37 9.00
CA MET G 228 -11.48 -25.81 9.69
C MET G 228 -11.11 -25.42 11.11
N TYR G 229 -11.99 -24.63 11.73
CA TYR G 229 -11.84 -24.31 13.14
C TYR G 229 -12.07 -25.55 14.00
N TYR G 230 -11.60 -25.46 15.24
CA TYR G 230 -11.74 -26.51 16.22
C TYR G 230 -12.16 -25.90 17.55
N VAL G 231 -13.14 -26.53 18.19
CA VAL G 231 -13.56 -26.10 19.52
C VAL G 231 -12.55 -26.62 20.52
N ASP G 232 -11.66 -25.75 20.97
CA ASP G 232 -10.59 -26.15 21.88
C ASP G 232 -11.15 -26.47 23.26
N GLY G 233 -10.43 -27.34 23.97
CA GLY G 233 -10.83 -27.80 25.29
C GLY G 233 -10.07 -27.20 26.45
N ARG G 234 -9.09 -26.34 26.20
CA ARG G 234 -8.28 -25.77 27.27
C ARG G 234 -9.04 -24.78 28.15
N GLY G 235 -10.25 -24.39 27.76
CA GLY G 235 -11.06 -23.52 28.57
C GLY G 235 -11.61 -24.24 29.77
N PRO G 236 -12.42 -23.54 30.58
CA PRO G 236 -13.01 -24.19 31.76
C PRO G 236 -13.83 -25.42 31.41
N ASP G 237 -14.54 -25.39 30.28
CA ASP G 237 -15.27 -26.55 29.81
C ASP G 237 -15.42 -26.44 28.29
N GLY G 238 -15.52 -27.60 27.63
CA GLY G 238 -15.78 -27.58 26.20
C GLY G 238 -17.13 -26.99 25.86
N GLY G 239 -18.18 -27.42 26.58
CA GLY G 239 -19.51 -26.90 26.35
C GLY G 239 -19.66 -25.42 26.61
N PHE G 240 -18.75 -24.82 27.39
CA PHE G 240 -18.76 -23.38 27.56
C PHE G 240 -18.50 -22.64 26.26
N ARG G 241 -17.89 -23.30 25.27
CA ARG G 241 -17.77 -22.70 23.95
C ARG G 241 -19.10 -22.65 23.20
N GLN G 242 -20.12 -23.32 23.74
CA GLN G 242 -21.51 -23.17 23.29
C GLN G 242 -21.65 -23.62 21.83
N VAL G 243 -21.33 -24.90 21.61
CA VAL G 243 -21.55 -25.52 20.30
C VAL G 243 -23.03 -25.64 19.98
N LYS G 244 -23.89 -25.65 21.00
CA LYS G 244 -25.33 -25.62 20.77
C LYS G 244 -25.74 -24.38 20.00
N GLU G 245 -25.02 -23.27 20.19
CA GLU G 245 -25.27 -22.09 19.36
C GLU G 245 -24.99 -22.38 17.89
N ALA G 246 -23.91 -23.11 17.61
CA ALA G 246 -23.59 -23.47 16.24
C ALA G 246 -24.66 -24.36 15.64
N VAL G 247 -25.12 -25.36 16.40
CA VAL G 247 -26.12 -26.28 15.85
C VAL G 247 -27.46 -25.57 15.65
N MET G 248 -27.82 -24.66 16.56
CA MET G 248 -29.04 -23.88 16.38
C MET G 248 -28.93 -22.96 15.17
N ARG G 249 -27.77 -22.35 14.96
CA ARG G 249 -27.59 -21.49 13.79
C ARG G 249 -27.71 -22.31 12.50
N TYR G 250 -27.11 -23.51 12.48
CA TYR G 250 -27.22 -24.35 11.30
C TYR G 250 -28.67 -24.74 11.04
N LEU G 251 -29.41 -25.11 12.09
CA LEU G 251 -30.81 -25.45 11.92
C LEU G 251 -31.63 -24.26 11.46
N GLN G 252 -31.33 -23.06 11.97
CA GLN G 252 -32.04 -21.86 11.56
C GLN G 252 -31.81 -21.56 10.08
N THR G 253 -30.57 -21.69 9.61
CA THR G 253 -30.30 -21.52 8.19
C THR G 253 -30.97 -22.61 7.36
N LEU G 254 -31.04 -23.83 7.90
CA LEU G 254 -31.68 -24.93 7.18
C LEU G 254 -33.17 -24.67 6.98
N SER G 255 -33.85 -24.15 8.00
CA SER G 255 -35.28 -23.87 7.94
C SER G 255 -36.09 -25.11 7.56
N SER H 113 15.15 -63.36 4.30
CA SER H 113 14.91 -62.25 5.22
C SER H 113 13.68 -62.52 6.10
N SER H 114 13.18 -63.76 6.05
CA SER H 114 12.01 -64.18 6.83
C SER H 114 10.81 -63.28 6.56
N ARG H 115 10.59 -62.97 5.28
CA ARG H 115 9.43 -62.14 4.91
C ARG H 115 8.12 -62.89 5.15
N TRP H 116 8.16 -64.21 5.23
CA TRP H 116 6.94 -65.01 5.35
C TRP H 116 6.57 -65.24 6.81
N SER H 117 5.79 -64.33 7.38
CA SER H 117 5.29 -64.46 8.74
C SER H 117 3.81 -64.81 8.80
N LYS H 118 3.09 -64.70 7.70
CA LYS H 118 1.67 -65.02 7.63
C LYS H 118 1.47 -66.18 6.68
N ASP H 119 0.27 -66.77 6.72
CA ASP H 119 0.00 -67.95 5.91
C ASP H 119 0.12 -67.64 4.42
N TYR H 120 -0.75 -66.77 3.91
CA TYR H 120 -0.78 -66.39 2.50
C TYR H 120 -0.55 -64.90 2.35
N ASP H 121 -0.64 -64.42 1.11
CA ASP H 121 -0.33 -63.03 0.77
C ASP H 121 -1.56 -62.19 0.44
N VAL H 122 -2.44 -62.67 -0.44
CA VAL H 122 -3.58 -61.89 -0.91
C VAL H 122 -4.87 -62.65 -0.64
N CYS H 123 -5.88 -61.94 -0.17
CA CYS H 123 -7.22 -62.48 -0.01
C CYS H 123 -8.17 -61.71 -0.91
N VAL H 124 -9.13 -62.43 -1.52
CA VAL H 124 -10.05 -61.86 -2.48
C VAL H 124 -11.47 -62.04 -1.96
N CYS H 125 -12.24 -60.96 -1.97
CA CYS H 125 -13.65 -60.97 -1.58
C CYS H 125 -14.49 -60.68 -2.82
N HIS H 126 -15.40 -61.58 -3.14
CA HIS H 126 -16.19 -61.45 -4.36
C HIS H 126 -17.62 -61.94 -4.12
N SER H 127 -18.52 -61.47 -4.95
CA SER H 127 -19.90 -61.93 -4.92
C SER H 127 -19.99 -63.37 -5.41
N GLU H 128 -20.96 -64.10 -4.88
CA GLU H 128 -21.07 -65.53 -5.17
C GLU H 128 -21.43 -65.82 -6.62
N GLU H 129 -21.83 -64.82 -7.40
CA GLU H 129 -22.23 -65.05 -8.78
C GLU H 129 -21.02 -65.06 -9.72
N ASP H 130 -20.15 -64.07 -9.60
CA ASP H 130 -19.01 -63.91 -10.52
C ASP H 130 -17.76 -64.54 -9.90
N LEU H 131 -17.75 -65.87 -9.86
CA LEU H 131 -16.54 -66.59 -9.48
C LEU H 131 -15.40 -66.32 -10.44
N VAL H 132 -15.74 -66.08 -11.72
CA VAL H 132 -14.71 -65.85 -12.73
C VAL H 132 -13.90 -64.60 -12.41
N ALA H 133 -14.52 -63.60 -11.78
CA ALA H 133 -13.80 -62.37 -11.45
C ALA H 133 -12.69 -62.63 -10.45
N ALA H 134 -13.02 -63.31 -9.34
CA ALA H 134 -12.01 -63.62 -8.33
C ALA H 134 -10.97 -64.59 -8.87
N GLN H 135 -11.40 -65.58 -9.65
CA GLN H 135 -10.45 -66.51 -10.24
C GLN H 135 -9.47 -65.79 -11.17
N ASP H 136 -9.98 -64.86 -11.96
CA ASP H 136 -9.12 -64.07 -12.85
C ASP H 136 -8.17 -63.20 -12.04
N LEU H 137 -8.65 -62.61 -10.95
CA LEU H 137 -7.77 -61.80 -10.12
C LEU H 137 -6.62 -62.63 -9.56
N VAL H 138 -6.92 -63.83 -9.05
CA VAL H 138 -5.87 -64.66 -8.48
C VAL H 138 -4.91 -65.14 -9.55
N SER H 139 -5.43 -65.58 -10.71
CA SER H 139 -4.58 -66.08 -11.77
C SER H 139 -3.85 -64.96 -12.51
N TYR H 140 -4.23 -63.70 -12.27
CA TYR H 140 -3.49 -62.58 -12.84
C TYR H 140 -2.45 -62.06 -11.86
N LEU H 141 -2.69 -62.22 -10.56
CA LEU H 141 -1.74 -61.73 -9.56
C LEU H 141 -0.64 -62.75 -9.30
N GLU H 142 -0.96 -64.05 -9.31
CA GLU H 142 0.03 -65.06 -8.96
C GLU H 142 1.01 -65.30 -10.10
N GLY H 143 0.53 -65.21 -11.35
CA GLY H 143 1.35 -65.63 -12.47
C GLY H 143 2.57 -64.76 -12.71
N SER H 144 2.41 -63.44 -12.62
CA SER H 144 3.47 -62.52 -12.99
C SER H 144 4.53 -62.33 -11.90
N THR H 145 4.34 -62.89 -10.71
CA THR H 145 5.26 -62.70 -9.61
C THR H 145 6.08 -63.94 -9.27
N ALA H 146 5.49 -65.13 -9.31
CA ALA H 146 6.13 -66.41 -9.00
C ALA H 146 6.57 -66.51 -7.53
N SER H 147 6.27 -65.51 -6.71
CA SER H 147 6.56 -65.56 -5.29
C SER H 147 5.32 -65.25 -4.48
N LEU H 148 4.47 -64.39 -5.02
CA LEU H 148 3.23 -64.01 -4.35
C LEU H 148 2.20 -65.14 -4.48
N ARG H 149 1.58 -65.50 -3.36
CA ARG H 149 0.51 -66.48 -3.31
C ARG H 149 -0.81 -65.74 -3.01
N CYS H 150 -1.88 -66.51 -2.84
CA CYS H 150 -3.19 -65.91 -2.65
C CYS H 150 -4.13 -66.95 -2.05
N PHE H 151 -5.32 -66.49 -1.68
CA PHE H 151 -6.40 -67.34 -1.19
C PHE H 151 -7.69 -66.95 -1.91
N LEU H 152 -8.46 -67.96 -2.32
CA LEU H 152 -9.79 -67.76 -2.86
C LEU H 152 -10.74 -68.73 -2.17
N GLN H 153 -12.00 -68.32 -2.02
CA GLN H 153 -12.95 -69.11 -1.24
C GLN H 153 -13.16 -70.49 -1.85
N LEU H 154 -13.77 -70.54 -3.05
CA LEU H 154 -14.09 -71.84 -3.64
C LEU H 154 -12.85 -72.63 -4.02
N ARG H 155 -11.75 -71.95 -4.33
CA ARG H 155 -10.54 -72.65 -4.72
C ARG H 155 -9.80 -73.26 -3.53
N ASP H 156 -9.98 -72.70 -2.33
CA ASP H 156 -9.14 -73.09 -1.20
C ASP H 156 -9.89 -73.34 0.10
N ALA H 157 -11.22 -73.21 0.13
CA ALA H 157 -11.95 -73.50 1.35
C ALA H 157 -11.91 -74.98 1.67
N THR H 158 -11.61 -75.31 2.92
CA THR H 158 -11.53 -76.71 3.33
C THR H 158 -12.92 -77.33 3.29
N PRO H 159 -13.12 -78.43 2.57
CA PRO H 159 -14.43 -79.09 2.59
C PRO H 159 -14.75 -79.61 3.99
N GLY H 160 -16.04 -79.56 4.33
CA GLY H 160 -16.49 -80.00 5.63
C GLY H 160 -16.37 -78.98 6.73
N GLY H 161 -15.89 -77.78 6.43
CA GLY H 161 -15.77 -76.73 7.42
C GLY H 161 -16.86 -75.68 7.29
N ALA H 162 -17.09 -74.95 8.37
CA ALA H 162 -18.13 -73.93 8.38
C ALA H 162 -17.74 -72.77 7.47
N ILE H 163 -18.73 -72.22 6.77
CA ILE H 163 -18.47 -71.12 5.84
C ILE H 163 -17.98 -69.90 6.61
N VAL H 164 -18.63 -69.58 7.72
CA VAL H 164 -18.28 -68.38 8.48
C VAL H 164 -16.85 -68.48 9.02
N SER H 165 -16.52 -69.61 9.64
CA SER H 165 -15.19 -69.79 10.20
C SER H 165 -14.13 -69.78 9.11
N GLU H 166 -14.41 -70.45 7.98
CA GLU H 166 -13.45 -70.49 6.90
C GLU H 166 -13.18 -69.10 6.34
N LEU H 167 -14.24 -68.30 6.15
CA LEU H 167 -14.06 -66.95 5.63
C LEU H 167 -13.33 -66.07 6.63
N CYS H 168 -13.65 -66.20 7.93
CA CYS H 168 -12.95 -65.41 8.94
C CYS H 168 -11.46 -65.74 8.97
N GLN H 169 -11.13 -67.03 8.92
CA GLN H 169 -9.72 -67.43 8.88
C GLN H 169 -9.04 -66.94 7.61
N ALA H 170 -9.74 -67.00 6.48
CA ALA H 170 -9.16 -66.55 5.22
C ALA H 170 -8.84 -65.06 5.26
N LEU H 171 -9.77 -64.25 5.75
CA LEU H 171 -9.52 -62.82 5.84
C LEU H 171 -8.45 -62.51 6.87
N SER H 172 -8.38 -63.28 7.97
CA SER H 172 -7.40 -63.00 9.00
C SER H 172 -5.98 -63.40 8.57
N SER H 173 -5.86 -64.52 7.86
CA SER H 173 -4.54 -65.09 7.55
C SER H 173 -3.94 -64.56 6.26
N SER H 174 -4.32 -63.37 5.81
CA SER H 174 -3.79 -62.81 4.59
C SER H 174 -3.13 -61.46 4.86
N HIS H 175 -2.19 -61.10 3.97
CA HIS H 175 -1.52 -59.82 4.06
C HIS H 175 -2.33 -58.68 3.44
N CYS H 176 -3.06 -58.96 2.36
CA CYS H 176 -3.87 -57.94 1.69
C CYS H 176 -5.23 -58.53 1.34
N ARG H 177 -6.25 -57.68 1.42
CA ARG H 177 -7.63 -58.05 1.11
C ARG H 177 -8.10 -57.29 -0.12
N VAL H 178 -8.74 -57.99 -1.04
CA VAL H 178 -9.26 -57.40 -2.27
C VAL H 178 -10.76 -57.65 -2.33
N LEU H 179 -11.53 -56.59 -2.50
CA LEU H 179 -12.98 -56.64 -2.54
C LEU H 179 -13.43 -56.43 -3.97
N LEU H 180 -14.34 -57.26 -4.46
CA LEU H 180 -14.91 -57.14 -5.79
C LEU H 180 -16.36 -56.70 -5.65
N ILE H 181 -16.69 -55.55 -6.20
CA ILE H 181 -18.05 -55.01 -6.12
C ILE H 181 -18.71 -55.18 -7.48
N THR H 182 -19.92 -55.75 -7.46
CA THR H 182 -20.65 -56.21 -8.63
C THR H 182 -22.10 -55.79 -8.45
N PRO H 183 -22.86 -55.63 -9.53
CA PRO H 183 -24.30 -55.41 -9.36
C PRO H 183 -25.00 -56.54 -8.61
N GLY H 184 -24.42 -57.75 -8.63
CA GLY H 184 -24.88 -58.80 -7.76
C GLY H 184 -24.31 -58.77 -6.36
N PHE H 185 -23.27 -57.96 -6.13
CA PHE H 185 -22.68 -57.85 -4.80
C PHE H 185 -23.64 -57.21 -3.81
N LEU H 186 -24.41 -56.21 -4.25
CA LEU H 186 -25.30 -55.50 -3.35
C LEU H 186 -26.39 -56.42 -2.82
N GLN H 187 -26.95 -57.27 -3.68
CA GLN H 187 -28.10 -58.09 -3.28
C GLN H 187 -27.70 -59.25 -2.38
N ASP H 188 -26.59 -59.92 -2.67
CA ASP H 188 -26.25 -61.15 -1.97
C ASP H 188 -25.80 -60.86 -0.55
N PRO H 189 -26.42 -61.47 0.47
CA PRO H 189 -26.01 -61.19 1.85
C PRO H 189 -24.60 -61.66 2.19
N TRP H 190 -24.15 -62.76 1.60
CA TRP H 190 -22.87 -63.33 2.02
C TRP H 190 -21.70 -62.42 1.71
N CYS H 191 -21.67 -61.84 0.51
CA CYS H 191 -20.58 -60.93 0.17
C CYS H 191 -20.65 -59.65 0.98
N LYS H 192 -21.86 -59.19 1.33
CA LYS H 192 -21.98 -58.06 2.23
C LYS H 192 -21.39 -58.38 3.60
N TYR H 193 -21.68 -59.57 4.12
CA TYR H 193 -21.11 -59.98 5.40
C TYR H 193 -19.59 -60.04 5.33
N GLN H 194 -19.06 -60.57 4.23
CA GLN H 194 -17.61 -60.69 4.12
C GLN H 194 -16.97 -59.32 3.97
N MET H 195 -17.64 -58.39 3.28
CA MET H 195 -17.17 -57.01 3.23
C MET H 195 -17.14 -56.38 4.61
N LEU H 196 -18.20 -56.61 5.40
CA LEU H 196 -18.23 -56.07 6.75
C LEU H 196 -17.11 -56.65 7.60
N GLN H 197 -16.84 -57.94 7.46
CA GLN H 197 -15.75 -58.56 8.21
C GLN H 197 -14.39 -57.99 7.78
N ALA H 198 -14.20 -57.78 6.47
CA ALA H 198 -12.95 -57.22 5.98
C ALA H 198 -12.75 -55.81 6.52
N LEU H 199 -13.81 -55.01 6.56
CA LEU H 199 -13.71 -53.69 7.15
C LEU H 199 -13.42 -53.76 8.64
N THR H 200 -14.04 -54.73 9.33
CA THR H 200 -13.83 -54.86 10.77
C THR H 200 -12.39 -55.22 11.10
N GLU H 201 -11.77 -56.10 10.30
CA GLU H 201 -10.41 -56.51 10.59
C GLU H 201 -9.43 -55.34 10.51
N ALA H 202 -9.58 -54.50 9.49
CA ALA H 202 -8.71 -53.33 9.30
C ALA H 202 -9.57 -52.11 9.05
N PRO H 203 -10.17 -51.54 10.10
CA PRO H 203 -10.99 -50.33 9.91
C PRO H 203 -10.22 -49.16 9.34
N GLY H 204 -8.95 -49.01 9.71
CA GLY H 204 -8.15 -47.94 9.16
C GLY H 204 -7.84 -48.17 7.69
N ALA H 205 -7.76 -47.07 6.94
CA ALA H 205 -7.48 -47.12 5.51
C ALA H 205 -5.97 -47.11 5.26
N GLU H 206 -5.29 -48.10 5.85
CA GLU H 206 -3.85 -48.20 5.67
C GLU H 206 -3.50 -48.66 4.27
N GLY H 207 -4.31 -49.53 3.68
CA GLY H 207 -4.03 -50.07 2.37
C GLY H 207 -4.31 -51.56 2.28
N CYS H 208 -4.77 -52.14 3.39
CA CYS H 208 -5.06 -53.58 3.41
C CYS H 208 -6.19 -53.92 2.46
N THR H 209 -7.25 -53.12 2.43
CA THR H 209 -8.43 -53.41 1.63
C THR H 209 -8.35 -52.65 0.31
N ILE H 210 -8.59 -53.36 -0.78
CA ILE H 210 -8.58 -52.76 -2.11
C ILE H 210 -9.94 -52.99 -2.78
N PRO H 211 -10.82 -52.00 -2.78
CA PRO H 211 -12.07 -52.14 -3.54
C PRO H 211 -11.80 -52.18 -5.04
N LEU H 212 -12.68 -52.88 -5.75
CA LEU H 212 -12.62 -52.95 -7.21
C LEU H 212 -14.04 -52.99 -7.73
N LEU H 213 -14.54 -51.84 -8.20
CA LEU H 213 -15.87 -51.77 -8.77
C LEU H 213 -15.92 -52.43 -10.14
N SER H 214 -17.10 -52.95 -10.49
CA SER H 214 -17.33 -53.44 -11.85
C SER H 214 -18.82 -53.31 -12.14
N GLY H 215 -19.20 -52.23 -12.83
CA GLY H 215 -20.57 -52.02 -13.25
C GLY H 215 -21.35 -51.03 -12.43
N LEU H 216 -20.86 -50.64 -11.26
CA LEU H 216 -21.55 -49.69 -10.40
C LEU H 216 -21.05 -48.27 -10.68
N SER H 217 -21.99 -47.35 -10.86
CA SER H 217 -21.64 -45.95 -10.98
C SER H 217 -21.21 -45.40 -9.62
N ARG H 218 -20.56 -44.23 -9.65
CA ARG H 218 -20.11 -43.60 -8.42
C ARG H 218 -21.28 -43.31 -7.48
N ALA H 219 -22.44 -42.95 -8.04
CA ALA H 219 -23.60 -42.66 -7.19
C ALA H 219 -24.08 -43.90 -6.46
N ALA H 220 -24.05 -45.06 -7.10
CA ALA H 220 -24.53 -46.30 -6.52
C ALA H 220 -23.51 -46.96 -5.60
N TYR H 221 -22.38 -46.32 -5.37
CA TYR H 221 -21.35 -46.89 -4.50
C TYR H 221 -21.92 -47.09 -3.09
N PRO H 222 -21.59 -48.19 -2.41
CA PRO H 222 -22.13 -48.42 -1.07
C PRO H 222 -21.70 -47.32 -0.12
N PRO H 223 -22.63 -46.77 0.66
CA PRO H 223 -22.29 -45.64 1.54
C PRO H 223 -21.28 -45.99 2.61
N GLU H 224 -21.10 -47.27 2.92
CA GLU H 224 -20.17 -47.66 3.99
C GLU H 224 -18.72 -47.44 3.60
N LEU H 225 -18.41 -47.32 2.30
CA LEU H 225 -17.03 -47.25 1.83
C LEU H 225 -16.73 -45.95 1.08
N ARG H 226 -17.56 -44.92 1.26
CA ARG H 226 -17.36 -43.68 0.51
C ARG H 226 -16.07 -42.95 0.90
N PHE H 227 -15.45 -43.33 2.01
CA PHE H 227 -14.29 -42.59 2.48
C PHE H 227 -12.98 -43.06 1.86
N MET H 228 -12.86 -44.35 1.53
CA MET H 228 -11.62 -44.85 0.95
C MET H 228 -11.65 -44.74 -0.56
N TYR H 229 -10.46 -44.71 -1.16
CA TYR H 229 -10.35 -44.78 -2.60
C TYR H 229 -10.79 -46.13 -3.13
N TYR H 230 -11.24 -46.14 -4.38
CA TYR H 230 -11.73 -47.35 -5.03
C TYR H 230 -11.07 -47.48 -6.40
N VAL H 231 -10.69 -48.71 -6.73
CA VAL H 231 -10.13 -49.00 -8.05
C VAL H 231 -11.27 -49.10 -9.05
N ASP H 232 -11.44 -48.08 -9.88
CA ASP H 232 -12.52 -48.07 -10.85
C ASP H 232 -12.30 -49.13 -11.92
N GLY H 233 -13.39 -49.71 -12.39
CA GLY H 233 -13.34 -50.73 -13.41
C GLY H 233 -13.43 -50.26 -14.84
N ARG H 234 -13.41 -48.94 -15.07
CA ARG H 234 -13.55 -48.39 -16.41
C ARG H 234 -12.38 -48.75 -17.33
N GLY H 235 -11.24 -49.14 -16.78
CA GLY H 235 -10.14 -49.63 -17.58
C GLY H 235 -10.50 -50.92 -18.27
N PRO H 236 -9.87 -51.20 -19.42
CA PRO H 236 -10.20 -52.45 -20.13
C PRO H 236 -10.03 -53.69 -19.26
N ASP H 237 -9.01 -53.70 -18.42
CA ASP H 237 -8.85 -54.70 -17.37
C ASP H 237 -8.68 -53.96 -16.04
N GLY H 238 -9.25 -54.51 -14.97
CA GLY H 238 -9.06 -53.91 -13.67
C GLY H 238 -7.61 -53.83 -13.27
N GLY H 239 -6.84 -54.89 -13.53
CA GLY H 239 -5.42 -54.91 -13.24
C GLY H 239 -4.60 -53.89 -13.98
N PHE H 240 -5.17 -53.24 -15.00
CA PHE H 240 -4.48 -52.12 -15.65
C PHE H 240 -4.26 -50.97 -14.67
N ARG H 241 -5.09 -50.88 -13.62
CA ARG H 241 -4.79 -49.93 -12.56
C ARG H 241 -3.77 -50.47 -11.56
N GLN H 242 -3.29 -51.69 -11.79
CA GLN H 242 -2.08 -52.22 -11.16
C GLN H 242 -2.23 -52.27 -9.64
N VAL H 243 -3.18 -53.10 -9.21
CA VAL H 243 -3.35 -53.37 -7.77
C VAL H 243 -2.17 -54.13 -7.20
N LYS H 244 -1.43 -54.87 -8.05
CA LYS H 244 -0.26 -55.58 -7.58
C LYS H 244 0.80 -54.61 -7.07
N GLU H 245 0.87 -53.40 -7.66
CA GLU H 245 1.76 -52.38 -7.10
C GLU H 245 1.35 -52.02 -5.68
N ALA H 246 0.05 -51.90 -5.43
CA ALA H 246 -0.42 -51.57 -4.08
C ALA H 246 -0.06 -52.68 -3.10
N VAL H 247 -0.31 -53.94 -3.48
CA VAL H 247 -0.04 -55.03 -2.55
C VAL H 247 1.47 -55.18 -2.33
N MET H 248 2.27 -54.98 -3.38
CA MET H 248 3.73 -55.06 -3.23
C MET H 248 4.25 -53.94 -2.35
N ARG H 249 3.71 -52.73 -2.49
CA ARG H 249 4.15 -51.64 -1.63
C ARG H 249 3.76 -51.88 -0.18
N TYR H 250 2.55 -52.40 0.05
CA TYR H 250 2.16 -52.72 1.42
C TYR H 250 3.06 -53.78 2.02
N LEU H 251 3.39 -54.81 1.24
CA LEU H 251 4.29 -55.85 1.74
C LEU H 251 5.69 -55.30 1.99
N GLN H 252 6.16 -54.39 1.14
CA GLN H 252 7.47 -53.78 1.34
C GLN H 252 7.51 -52.99 2.64
N THR H 253 6.47 -52.18 2.90
CA THR H 253 6.42 -51.44 4.16
C THR H 253 6.23 -52.37 5.35
N LEU H 254 5.57 -53.51 5.15
CA LEU H 254 5.38 -54.46 6.24
C LEU H 254 6.71 -55.06 6.69
N SER H 255 7.52 -55.51 5.73
CA SER H 255 8.80 -56.11 6.04
C SER H 255 9.75 -56.02 4.86
#